data_1GIZ
# 
_entry.id   1GIZ 
# 
_audit_conform.dict_name       mmcif_pdbx.dic 
_audit_conform.dict_version    5.383 
_audit_conform.dict_location   http://mmcif.pdb.org/dictionaries/ascii/mmcif_pdbx.dic 
# 
loop_
_database_2.database_id 
_database_2.database_code 
_database_2.pdbx_database_accession 
_database_2.pdbx_DOI 
PDB   1GIZ         pdb_00001giz 10.2210/pdb1giz/pdb 
RCSB  RCSB001565   ?            ?                   
WWPDB D_1000001565 ?            ?                   
# 
loop_
_pdbx_audit_revision_history.ordinal 
_pdbx_audit_revision_history.data_content_type 
_pdbx_audit_revision_history.major_revision 
_pdbx_audit_revision_history.minor_revision 
_pdbx_audit_revision_history.revision_date 
1 'Structure model' 1 0 2001-08-22 
2 'Structure model' 1 1 2008-04-26 
3 'Structure model' 1 2 2011-07-13 
4 'Structure model' 1 3 2022-02-23 
5 'Structure model' 1 4 2023-12-27 
# 
_pdbx_audit_revision_details.ordinal             1 
_pdbx_audit_revision_details.revision_ordinal    1 
_pdbx_audit_revision_details.data_content_type   'Structure model' 
_pdbx_audit_revision_details.provider            repository 
_pdbx_audit_revision_details.type                'Initial release' 
_pdbx_audit_revision_details.description         ? 
_pdbx_audit_revision_details.details             ? 
# 
loop_
_pdbx_audit_revision_group.ordinal 
_pdbx_audit_revision_group.revision_ordinal 
_pdbx_audit_revision_group.data_content_type 
_pdbx_audit_revision_group.group 
1 2 'Structure model' 'Version format compliance' 
2 3 'Structure model' 'Version format compliance' 
3 4 'Structure model' 'Data collection'           
4 4 'Structure model' 'Database references'       
5 4 'Structure model' 'Derived calculations'      
6 5 'Structure model' 'Data collection'           
# 
loop_
_pdbx_audit_revision_category.ordinal 
_pdbx_audit_revision_category.revision_ordinal 
_pdbx_audit_revision_category.data_content_type 
_pdbx_audit_revision_category.category 
1 4 'Structure model' database_2            
2 4 'Structure model' pdbx_nmr_software     
3 4 'Structure model' pdbx_struct_assembly  
4 4 'Structure model' pdbx_struct_oper_list 
5 4 'Structure model' struct_conn           
6 5 'Structure model' chem_comp_atom        
7 5 'Structure model' chem_comp_bond        
# 
loop_
_pdbx_audit_revision_item.ordinal 
_pdbx_audit_revision_item.revision_ordinal 
_pdbx_audit_revision_item.data_content_type 
_pdbx_audit_revision_item.item 
1 4 'Structure model' '_database_2.pdbx_DOI'                
2 4 'Structure model' '_database_2.pdbx_database_accession' 
3 4 'Structure model' '_pdbx_nmr_software.name'             
4 4 'Structure model' '_struct_conn.pdbx_leaving_atom_flag' 
# 
_pdbx_database_status.status_code                     REL 
_pdbx_database_status.entry_id                        1GIZ 
_pdbx_database_status.recvd_initial_deposition_date   2000-10-31 
_pdbx_database_status.deposit_site                    RCSB 
_pdbx_database_status.process_site                    RCSB 
_pdbx_database_status.SG_entry                        . 
_pdbx_database_status.pdb_format_compatible           Y 
_pdbx_database_status.status_code_mr                  ? 
_pdbx_database_status.status_code_sf                  ? 
_pdbx_database_status.status_code_cs                  ? 
_pdbx_database_status.status_code_nmr_data            ? 
_pdbx_database_status.methods_development_category    ? 
# 
loop_
_pdbx_database_related.db_name 
_pdbx_database_related.db_id 
_pdbx_database_related.details 
_pdbx_database_related.content_type 
PDB 1A9I 'Apyrimidinic Dna With Bound Water At The Damaged Site, Alpha Form, Nmr, 1 Structure'                     unspecified 
PDB 1A9J 'Apyrimidinic Dna With Bound Water At The Damaged Site, Beta Form, Nmr, 1 Structure'                      unspecified 
PDB 1G5D 'Ensemble: NMR Structure of an Oligonucleotide Containing an Abasic Site: Alpha Anomer'                   unspecified 
PDB 1G5E 'Ensemble:  NMR Structure of an Oligonucleotide Containing an Abasic Site: Beta Anomer'                   unspecified 
PDB 1GJ0 'Minimized average structure: NMR Structure of an Oligonucleotide Containing an Abasic Site: Beta Anomer' unspecified 
# 
loop_
_audit_author.name 
_audit_author.pdbx_ordinal 
'Hoehn, S.T.'  1 
'Turner, C.J.' 2 
'Stubbe, J.'   3 
# 
_citation.id                        primary 
_citation.title                     
'Solution structure of an oligonucleotide containing an abasic site: evidence for an unusual deoxyribose conformation.' 
_citation.journal_abbrev            'Nucleic Acids Res.' 
_citation.journal_volume            29 
_citation.page_first                3413 
_citation.page_last                 3423 
_citation.year                      2001 
_citation.journal_id_ASTM           NARHAD 
_citation.country                   UK 
_citation.journal_id_ISSN           0305-1048 
_citation.journal_id_CSD            0389 
_citation.book_publisher            ? 
_citation.pdbx_database_id_PubMed   11504879 
_citation.pdbx_database_id_DOI      10.1093/nar/29.16.3413 
# 
loop_
_citation_author.citation_id 
_citation_author.name 
_citation_author.ordinal 
_citation_author.identifier_ORCID 
primary 'Hoehn, S.T.'  1 ? 
primary 'Turner, C.J.' 2 ? 
primary 'Stubbe, J.'   3 ? 
# 
loop_
_entity.id 
_entity.type 
_entity.src_method 
_entity.pdbx_description 
_entity.formula_weight 
_entity.pdbx_number_of_molecules 
_entity.pdbx_ec 
_entity.pdbx_mutation 
_entity.pdbx_fragment 
_entity.details 
1 polymer syn "5'-D(*CP*CP*AP*AP*AP*GP*(D1P)P*AP*CP*TP*GP*GP*G)-3'" 3892.526 1 ? ? ? ? 
2 polymer syn "5'-D(*CP*CP*CP*AP*GP*TP*AP*CP*TP*TP*TP*GP*G)-3'"     3942.572 1 ? ? ? ? 
# 
loop_
_entity_poly.entity_id 
_entity_poly.type 
_entity_poly.nstd_linkage 
_entity_poly.nstd_monomer 
_entity_poly.pdbx_seq_one_letter_code 
_entity_poly.pdbx_seq_one_letter_code_can 
_entity_poly.pdbx_strand_id 
_entity_poly.pdbx_target_identifier 
1 polydeoxyribonucleotide no yes '(DC)(DC)(DA)(DA)(DA)(DG)(ORP)(DA)(DC)(DT)(DG)(DG)(DG)' CCAAAGXACTGGG A ? 
2 polydeoxyribonucleotide no no  '(DC)(DC)(DC)(DA)(DG)(DT)(DA)(DC)(DT)(DT)(DT)(DG)(DG)'  CCCAGTACTTTGG B ? 
# 
loop_
_entity_poly_seq.entity_id 
_entity_poly_seq.num 
_entity_poly_seq.mon_id 
_entity_poly_seq.hetero 
1 1  DC  n 
1 2  DC  n 
1 3  DA  n 
1 4  DA  n 
1 5  DA  n 
1 6  DG  n 
1 7  ORP n 
1 8  DA  n 
1 9  DC  n 
1 10 DT  n 
1 11 DG  n 
1 12 DG  n 
1 13 DG  n 
2 1  DC  n 
2 2  DC  n 
2 3  DC  n 
2 4  DA  n 
2 5  DG  n 
2 6  DT  n 
2 7  DA  n 
2 8  DC  n 
2 9  DT  n 
2 10 DT  n 
2 11 DT  n 
2 12 DG  n 
2 13 DG  n 
# 
loop_
_chem_comp.id 
_chem_comp.type 
_chem_comp.mon_nstd_flag 
_chem_comp.name 
_chem_comp.pdbx_synonyms 
_chem_comp.formula 
_chem_comp.formula_weight 
DA  'DNA linking' y "2'-DEOXYADENOSINE-5'-MONOPHOSPHATE" ? 'C10 H14 N5 O6 P' 331.222 
DC  'DNA linking' y "2'-DEOXYCYTIDINE-5'-MONOPHOSPHATE"  ? 'C9 H14 N3 O7 P'  307.197 
DG  'DNA linking' y "2'-DEOXYGUANOSINE-5'-MONOPHOSPHATE" ? 'C10 H14 N5 O7 P' 347.221 
DT  'DNA linking' y "THYMIDINE-5'-MONOPHOSPHATE"         ? 'C10 H15 N2 O8 P' 322.208 
ORP saccharide    . 2-DEOXY-5-PHOSPHONO-RIBOSE           ? 'C5 H11 O7 P'     214.110 
# 
loop_
_pdbx_poly_seq_scheme.asym_id 
_pdbx_poly_seq_scheme.entity_id 
_pdbx_poly_seq_scheme.seq_id 
_pdbx_poly_seq_scheme.mon_id 
_pdbx_poly_seq_scheme.ndb_seq_num 
_pdbx_poly_seq_scheme.pdb_seq_num 
_pdbx_poly_seq_scheme.auth_seq_num 
_pdbx_poly_seq_scheme.pdb_mon_id 
_pdbx_poly_seq_scheme.auth_mon_id 
_pdbx_poly_seq_scheme.pdb_strand_id 
_pdbx_poly_seq_scheme.pdb_ins_code 
_pdbx_poly_seq_scheme.hetero 
A 1 1  DC  1  1  1  DC  C   A . n 
A 1 2  DC  2  2  2  DC  C   A . n 
A 1 3  DA  3  3  3  DA  A   A . n 
A 1 4  DA  4  4  4  DA  A   A . n 
A 1 5  DA  5  5  5  DA  A   A . n 
A 1 6  DG  6  6  6  DG  G   A . n 
A 1 7  ORP 7  7  7  ORP D1P A . n 
A 1 8  DA  8  8  8  DA  A   A . n 
A 1 9  DC  9  9  9  DC  C   A . n 
A 1 10 DT  10 10 10 DT  T   A . n 
A 1 11 DG  11 11 11 DG  G   A . n 
A 1 12 DG  12 12 12 DG  G   A . n 
A 1 13 DG  13 13 13 DG  G   A . n 
B 2 1  DC  1  14 14 DC  C   B . n 
B 2 2  DC  2  15 15 DC  C   B . n 
B 2 3  DC  3  16 16 DC  C   B . n 
B 2 4  DA  4  17 17 DA  A   B . n 
B 2 5  DG  5  18 18 DG  G   B . n 
B 2 6  DT  6  19 19 DT  T   B . n 
B 2 7  DA  7  20 20 DA  A   B . n 
B 2 8  DC  8  21 21 DC  C   B . n 
B 2 9  DT  9  22 22 DT  T   B . n 
B 2 10 DT  10 23 23 DT  T   B . n 
B 2 11 DT  11 24 24 DT  T   B . n 
B 2 12 DG  12 25 25 DG  G   B . n 
B 2 13 DG  13 26 26 DG  G   B . n 
# 
_cell.entry_id           1GIZ 
_cell.length_a           1.000 
_cell.length_b           1.000 
_cell.length_c           1.000 
_cell.angle_alpha        90.00 
_cell.angle_beta         90.00 
_cell.angle_gamma        90.00 
_cell.Z_PDB              1 
_cell.pdbx_unique_axis   ? 
# 
_symmetry.entry_id                         1GIZ 
_symmetry.space_group_name_H-M             'P 1' 
_symmetry.pdbx_full_space_group_name_H-M   ? 
_symmetry.cell_setting                     ? 
_symmetry.Int_Tables_number                1 
# 
_exptl.entry_id          1GIZ 
_exptl.method            'SOLUTION NMR' 
_exptl.crystals_number   ? 
# 
_exptl_crystal.id                    1 
_exptl_crystal.density_meas          ? 
_exptl_crystal.density_percent_sol   ? 
_exptl_crystal.density_Matthews      ? 
_exptl_crystal.description           ? 
# 
_diffrn.id                     1 
_diffrn.ambient_temp           ? 
_diffrn.ambient_temp_details   ? 
_diffrn.crystal_id             1 
# 
_diffrn_radiation.diffrn_id                        1 
_diffrn_radiation.wavelength_id                    1 
_diffrn_radiation.monochromator                    ? 
_diffrn_radiation.pdbx_monochromatic_or_laue_m_l   M 
_diffrn_radiation.pdbx_diffrn_protocol             'SINGLE WAVELENGTH' 
_diffrn_radiation.pdbx_scattering_type             ? 
# 
_diffrn_radiation_wavelength.id           1 
_diffrn_radiation_wavelength.wavelength   . 
_diffrn_radiation_wavelength.wt           1.0 
# 
_struct.entry_id                  1GIZ 
_struct.title                     'NMR STRUCTURE OF AN OLIGONUCLEOTIDE CONTAINING AN ABASIC SITE: ALPHA ANOMER' 
_struct.pdbx_model_details        ? 
_struct.pdbx_CASP_flag            ? 
_struct.pdbx_model_type_details   ? 
# 
_struct_keywords.entry_id        1GIZ 
_struct_keywords.pdbx_keywords   DNA 
_struct_keywords.text            'DAMAGED DNA, APYRIMIDINIC SITE, DNA' 
# 
loop_
_struct_asym.id 
_struct_asym.pdbx_blank_PDB_chainid_flag 
_struct_asym.pdbx_modified 
_struct_asym.entity_id 
_struct_asym.details 
A N N 1 ? 
B N N 2 ? 
# 
loop_
_struct_ref.id 
_struct_ref.entity_id 
_struct_ref.db_name 
_struct_ref.db_code 
_struct_ref.pdbx_db_accession 
_struct_ref.pdbx_db_isoform 
_struct_ref.pdbx_seq_one_letter_code 
_struct_ref.pdbx_align_begin 
1 1 PDB 1GIZ 1GIZ ? ? ? 
2 2 PDB 1GIZ 1GIZ ? ? ? 
# 
loop_
_struct_ref_seq.align_id 
_struct_ref_seq.ref_id 
_struct_ref_seq.pdbx_PDB_id_code 
_struct_ref_seq.pdbx_strand_id 
_struct_ref_seq.seq_align_beg 
_struct_ref_seq.pdbx_seq_align_beg_ins_code 
_struct_ref_seq.seq_align_end 
_struct_ref_seq.pdbx_seq_align_end_ins_code 
_struct_ref_seq.pdbx_db_accession 
_struct_ref_seq.db_align_beg 
_struct_ref_seq.pdbx_db_align_beg_ins_code 
_struct_ref_seq.db_align_end 
_struct_ref_seq.pdbx_db_align_end_ins_code 
_struct_ref_seq.pdbx_auth_seq_align_beg 
_struct_ref_seq.pdbx_auth_seq_align_end 
1 1 1GIZ A 1 ? 13 ? 1GIZ 1  ? 13 ? 1  13 
2 2 1GIZ B 1 ? 13 ? 1GIZ 14 ? 26 ? 14 26 
# 
_pdbx_struct_assembly.id                   1 
_pdbx_struct_assembly.details              author_defined_assembly 
_pdbx_struct_assembly.method_details       ? 
_pdbx_struct_assembly.oligomeric_details   dimeric 
_pdbx_struct_assembly.oligomeric_count     2 
# 
_pdbx_struct_assembly_gen.assembly_id       1 
_pdbx_struct_assembly_gen.oper_expression   1 
_pdbx_struct_assembly_gen.asym_id_list      A,B 
# 
_pdbx_struct_oper_list.id                   1 
_pdbx_struct_oper_list.type                 'identity operation' 
_pdbx_struct_oper_list.name                 1_555 
_pdbx_struct_oper_list.symmetry_operation   x,y,z 
_pdbx_struct_oper_list.matrix[1][1]         1.0000000000 
_pdbx_struct_oper_list.matrix[1][2]         0.0000000000 
_pdbx_struct_oper_list.matrix[1][3]         0.0000000000 
_pdbx_struct_oper_list.vector[1]            0.0000000000 
_pdbx_struct_oper_list.matrix[2][1]         0.0000000000 
_pdbx_struct_oper_list.matrix[2][2]         1.0000000000 
_pdbx_struct_oper_list.matrix[2][3]         0.0000000000 
_pdbx_struct_oper_list.vector[2]            0.0000000000 
_pdbx_struct_oper_list.matrix[3][1]         0.0000000000 
_pdbx_struct_oper_list.matrix[3][2]         0.0000000000 
_pdbx_struct_oper_list.matrix[3][3]         1.0000000000 
_pdbx_struct_oper_list.vector[3]            0.0000000000 
# 
_struct_biol.id                    1 
_struct_biol.pdbx_parent_biol_id   ? 
_struct_biol.details               ? 
# 
loop_
_struct_conn.id 
_struct_conn.conn_type_id 
_struct_conn.pdbx_leaving_atom_flag 
_struct_conn.pdbx_PDB_id 
_struct_conn.ptnr1_label_asym_id 
_struct_conn.ptnr1_label_comp_id 
_struct_conn.ptnr1_label_seq_id 
_struct_conn.ptnr1_label_atom_id 
_struct_conn.pdbx_ptnr1_label_alt_id 
_struct_conn.pdbx_ptnr1_PDB_ins_code 
_struct_conn.pdbx_ptnr1_standard_comp_id 
_struct_conn.ptnr1_symmetry 
_struct_conn.ptnr2_label_asym_id 
_struct_conn.ptnr2_label_comp_id 
_struct_conn.ptnr2_label_seq_id 
_struct_conn.ptnr2_label_atom_id 
_struct_conn.pdbx_ptnr2_label_alt_id 
_struct_conn.pdbx_ptnr2_PDB_ins_code 
_struct_conn.ptnr1_auth_asym_id 
_struct_conn.ptnr1_auth_comp_id 
_struct_conn.ptnr1_auth_seq_id 
_struct_conn.ptnr2_auth_asym_id 
_struct_conn.ptnr2_auth_comp_id 
_struct_conn.ptnr2_auth_seq_id 
_struct_conn.ptnr2_symmetry 
_struct_conn.pdbx_ptnr3_label_atom_id 
_struct_conn.pdbx_ptnr3_label_seq_id 
_struct_conn.pdbx_ptnr3_label_comp_id 
_struct_conn.pdbx_ptnr3_label_asym_id 
_struct_conn.pdbx_ptnr3_label_alt_id 
_struct_conn.pdbx_ptnr3_PDB_ins_code 
_struct_conn.details 
_struct_conn.pdbx_dist_value 
_struct_conn.pdbx_value_order 
_struct_conn.pdbx_role 
covale1  covale both ? A DG  6  "O3'" ? ? ? 1_555 A ORP 7  P  ? ? A DG  6  A ORP 7  1_555 ? ? ? ? ? ? ?            1.577 ? ? 
covale2  covale one  ? A ORP 7  O3    ? ? ? 1_555 A DA  8  P  ? ? A ORP 7  A DA  8  1_555 ? ? ? ? ? ? ?            1.581 ? ? 
hydrog1  hydrog ?    ? A DC  1  N3    ? ? ? 1_555 B DG  13 N1 ? ? A DC  1  B DG  26 1_555 ? ? ? ? ? ? WATSON-CRICK ?     ? ? 
hydrog2  hydrog ?    ? A DC  1  N4    ? ? ? 1_555 B DG  13 O6 ? ? A DC  1  B DG  26 1_555 ? ? ? ? ? ? WATSON-CRICK ?     ? ? 
hydrog3  hydrog ?    ? A DC  1  O2    ? ? ? 1_555 B DG  13 N2 ? ? A DC  1  B DG  26 1_555 ? ? ? ? ? ? WATSON-CRICK ?     ? ? 
hydrog4  hydrog ?    ? A DC  2  N3    ? ? ? 1_555 B DG  12 N1 ? ? A DC  2  B DG  25 1_555 ? ? ? ? ? ? WATSON-CRICK ?     ? ? 
hydrog5  hydrog ?    ? A DC  2  N4    ? ? ? 1_555 B DG  12 O6 ? ? A DC  2  B DG  25 1_555 ? ? ? ? ? ? WATSON-CRICK ?     ? ? 
hydrog6  hydrog ?    ? A DC  2  O2    ? ? ? 1_555 B DG  12 N2 ? ? A DC  2  B DG  25 1_555 ? ? ? ? ? ? WATSON-CRICK ?     ? ? 
hydrog7  hydrog ?    ? A DA  3  N1    ? ? ? 1_555 B DT  11 N3 ? ? A DA  3  B DT  24 1_555 ? ? ? ? ? ? WATSON-CRICK ?     ? ? 
hydrog8  hydrog ?    ? A DA  3  N6    ? ? ? 1_555 B DT  11 O4 ? ? A DA  3  B DT  24 1_555 ? ? ? ? ? ? WATSON-CRICK ?     ? ? 
hydrog9  hydrog ?    ? A DA  4  N1    ? ? ? 1_555 B DT  10 N3 ? ? A DA  4  B DT  23 1_555 ? ? ? ? ? ? WATSON-CRICK ?     ? ? 
hydrog10 hydrog ?    ? A DA  4  N6    ? ? ? 1_555 B DT  10 O4 ? ? A DA  4  B DT  23 1_555 ? ? ? ? ? ? WATSON-CRICK ?     ? ? 
hydrog11 hydrog ?    ? A DA  5  N1    ? ? ? 1_555 B DT  9  N3 ? ? A DA  5  B DT  22 1_555 ? ? ? ? ? ? WATSON-CRICK ?     ? ? 
hydrog12 hydrog ?    ? A DA  5  N6    ? ? ? 1_555 B DT  9  O4 ? ? A DA  5  B DT  22 1_555 ? ? ? ? ? ? WATSON-CRICK ?     ? ? 
hydrog13 hydrog ?    ? A DG  6  N1    ? ? ? 1_555 B DC  8  N3 ? ? A DG  6  B DC  21 1_555 ? ? ? ? ? ? WATSON-CRICK ?     ? ? 
hydrog14 hydrog ?    ? A DG  6  N2    ? ? ? 1_555 B DC  8  O2 ? ? A DG  6  B DC  21 1_555 ? ? ? ? ? ? WATSON-CRICK ?     ? ? 
hydrog15 hydrog ?    ? A DG  6  O6    ? ? ? 1_555 B DC  8  N4 ? ? A DG  6  B DC  21 1_555 ? ? ? ? ? ? WATSON-CRICK ?     ? ? 
hydrog16 hydrog ?    ? A DA  8  N1    ? ? ? 1_555 B DT  6  N3 ? ? A DA  8  B DT  19 1_555 ? ? ? ? ? ? WATSON-CRICK ?     ? ? 
hydrog17 hydrog ?    ? A DA  8  N6    ? ? ? 1_555 B DT  6  O4 ? ? A DA  8  B DT  19 1_555 ? ? ? ? ? ? WATSON-CRICK ?     ? ? 
hydrog18 hydrog ?    ? A DC  9  N3    ? ? ? 1_555 B DG  5  N1 ? ? A DC  9  B DG  18 1_555 ? ? ? ? ? ? WATSON-CRICK ?     ? ? 
hydrog19 hydrog ?    ? A DC  9  N4    ? ? ? 1_555 B DG  5  O6 ? ? A DC  9  B DG  18 1_555 ? ? ? ? ? ? WATSON-CRICK ?     ? ? 
hydrog20 hydrog ?    ? A DC  9  O2    ? ? ? 1_555 B DG  5  N2 ? ? A DC  9  B DG  18 1_555 ? ? ? ? ? ? WATSON-CRICK ?     ? ? 
hydrog21 hydrog ?    ? A DT  10 N3    ? ? ? 1_555 B DA  4  N1 ? ? A DT  10 B DA  17 1_555 ? ? ? ? ? ? WATSON-CRICK ?     ? ? 
hydrog22 hydrog ?    ? A DT  10 O4    ? ? ? 1_555 B DA  4  N6 ? ? A DT  10 B DA  17 1_555 ? ? ? ? ? ? WATSON-CRICK ?     ? ? 
hydrog23 hydrog ?    ? A DG  11 N1    ? ? ? 1_555 B DC  3  N3 ? ? A DG  11 B DC  16 1_555 ? ? ? ? ? ? WATSON-CRICK ?     ? ? 
hydrog24 hydrog ?    ? A DG  11 N2    ? ? ? 1_555 B DC  3  O2 ? ? A DG  11 B DC  16 1_555 ? ? ? ? ? ? WATSON-CRICK ?     ? ? 
hydrog25 hydrog ?    ? A DG  11 O6    ? ? ? 1_555 B DC  3  N4 ? ? A DG  11 B DC  16 1_555 ? ? ? ? ? ? WATSON-CRICK ?     ? ? 
hydrog26 hydrog ?    ? A DG  12 N1    ? ? ? 1_555 B DC  2  N3 ? ? A DG  12 B DC  15 1_555 ? ? ? ? ? ? WATSON-CRICK ?     ? ? 
hydrog27 hydrog ?    ? A DG  12 N2    ? ? ? 1_555 B DC  2  O2 ? ? A DG  12 B DC  15 1_555 ? ? ? ? ? ? WATSON-CRICK ?     ? ? 
hydrog28 hydrog ?    ? A DG  12 O6    ? ? ? 1_555 B DC  2  N4 ? ? A DG  12 B DC  15 1_555 ? ? ? ? ? ? WATSON-CRICK ?     ? ? 
hydrog29 hydrog ?    ? A DG  13 N1    ? ? ? 1_555 B DC  1  N3 ? ? A DG  13 B DC  14 1_555 ? ? ? ? ? ? WATSON-CRICK ?     ? ? 
hydrog30 hydrog ?    ? A DG  13 N2    ? ? ? 1_555 B DC  1  O2 ? ? A DG  13 B DC  14 1_555 ? ? ? ? ? ? WATSON-CRICK ?     ? ? 
hydrog31 hydrog ?    ? A DG  13 O6    ? ? ? 1_555 B DC  1  N4 ? ? A DG  13 B DC  14 1_555 ? ? ? ? ? ? WATSON-CRICK ?     ? ? 
# 
loop_
_struct_conn_type.id 
_struct_conn_type.criteria 
_struct_conn_type.reference 
covale ? ? 
hydrog ? ? 
# 
loop_
_pdbx_validate_rmsd_bond.id 
_pdbx_validate_rmsd_bond.PDB_model_num 
_pdbx_validate_rmsd_bond.auth_atom_id_1 
_pdbx_validate_rmsd_bond.auth_asym_id_1 
_pdbx_validate_rmsd_bond.auth_comp_id_1 
_pdbx_validate_rmsd_bond.auth_seq_id_1 
_pdbx_validate_rmsd_bond.PDB_ins_code_1 
_pdbx_validate_rmsd_bond.label_alt_id_1 
_pdbx_validate_rmsd_bond.auth_atom_id_2 
_pdbx_validate_rmsd_bond.auth_asym_id_2 
_pdbx_validate_rmsd_bond.auth_comp_id_2 
_pdbx_validate_rmsd_bond.auth_seq_id_2 
_pdbx_validate_rmsd_bond.PDB_ins_code_2 
_pdbx_validate_rmsd_bond.label_alt_id_2 
_pdbx_validate_rmsd_bond.bond_value 
_pdbx_validate_rmsd_bond.bond_target_value 
_pdbx_validate_rmsd_bond.bond_deviation 
_pdbx_validate_rmsd_bond.bond_standard_deviation 
_pdbx_validate_rmsd_bond.linker_flag 
1 1 N9 A DA 4  ? ? C4 A DA 4  ? ? 1.411 1.374 0.037  0.006 N 
2 1 N9 A DA 8  ? ? C4 A DA 8  ? ? 1.412 1.374 0.038  0.006 N 
3 1 C8 B DG 25 ? ? N9 B DG 25 ? ? 1.332 1.374 -0.042 0.007 N 
# 
loop_
_pdbx_validate_rmsd_angle.id 
_pdbx_validate_rmsd_angle.PDB_model_num 
_pdbx_validate_rmsd_angle.auth_atom_id_1 
_pdbx_validate_rmsd_angle.auth_asym_id_1 
_pdbx_validate_rmsd_angle.auth_comp_id_1 
_pdbx_validate_rmsd_angle.auth_seq_id_1 
_pdbx_validate_rmsd_angle.PDB_ins_code_1 
_pdbx_validate_rmsd_angle.label_alt_id_1 
_pdbx_validate_rmsd_angle.auth_atom_id_2 
_pdbx_validate_rmsd_angle.auth_asym_id_2 
_pdbx_validate_rmsd_angle.auth_comp_id_2 
_pdbx_validate_rmsd_angle.auth_seq_id_2 
_pdbx_validate_rmsd_angle.PDB_ins_code_2 
_pdbx_validate_rmsd_angle.label_alt_id_2 
_pdbx_validate_rmsd_angle.auth_atom_id_3 
_pdbx_validate_rmsd_angle.auth_asym_id_3 
_pdbx_validate_rmsd_angle.auth_comp_id_3 
_pdbx_validate_rmsd_angle.auth_seq_id_3 
_pdbx_validate_rmsd_angle.PDB_ins_code_3 
_pdbx_validate_rmsd_angle.label_alt_id_3 
_pdbx_validate_rmsd_angle.angle_value 
_pdbx_validate_rmsd_angle.angle_target_value 
_pdbx_validate_rmsd_angle.angle_deviation 
_pdbx_validate_rmsd_angle.angle_standard_deviation 
_pdbx_validate_rmsd_angle.linker_flag 
1  1 N1    A DA 3  ? ? C6    A DA 3  ? ? N6 A DA 3  ? ? 122.62 118.60 4.02  0.60 N 
2  1 N1    A DA 5  ? ? C6    A DA 5  ? ? N6 A DA 5  ? ? 124.40 118.60 5.80  0.60 N 
3  1 C5    A DA 5  ? ? C6    A DA 5  ? ? N6 A DA 5  ? ? 118.46 123.70 -5.24 0.80 N 
4  1 N3    A DG 6  ? ? C2    A DG 6  ? ? N2 A DG 6  ? ? 125.06 119.90 5.16  0.70 N 
5  1 N1    A DA 8  ? ? C6    A DA 8  ? ? N6 A DA 8  ? ? 123.61 118.60 5.01  0.60 N 
6  1 C5    A DA 8  ? ? C6    A DA 8  ? ? N6 A DA 8  ? ? 118.81 123.70 -4.89 0.80 N 
7  1 N3    A DG 12 ? ? C2    A DG 12 ? ? N2 A DG 12 ? ? 125.24 119.90 5.34  0.70 N 
8  1 N3    A DG 13 ? ? C2    A DG 13 ? ? N2 A DG 13 ? ? 124.55 119.90 4.65  0.70 N 
9  1 N1    B DA 17 ? ? C6    B DA 17 ? ? N6 B DA 17 ? ? 122.54 118.60 3.94  0.60 N 
10 1 "C3'" B DC 21 ? ? "O3'" B DC 21 ? ? P  B DT 22 ? ? 127.75 119.70 8.05  1.20 Y 
11 1 "C3'" B DT 22 ? ? "O3'" B DT 22 ? ? P  B DT 23 ? ? 127.35 119.70 7.65  1.20 Y 
12 1 N3    B DG 25 ? ? C2    B DG 25 ? ? N2 B DG 25 ? ? 124.40 119.90 4.50  0.70 N 
13 1 N3    B DG 26 ? ? C2    B DG 26 ? ? N2 B DG 26 ? ? 124.76 119.90 4.86  0.70 N 
# 
loop_
_pdbx_validate_planes.id 
_pdbx_validate_planes.PDB_model_num 
_pdbx_validate_planes.auth_comp_id 
_pdbx_validate_planes.auth_asym_id 
_pdbx_validate_planes.auth_seq_id 
_pdbx_validate_planes.PDB_ins_code 
_pdbx_validate_planes.label_alt_id 
_pdbx_validate_planes.rmsd 
_pdbx_validate_planes.type 
1 1 DA A 8  ? ? 0.070 'SIDE CHAIN' 
2 1 DG A 11 ? ? 0.087 'SIDE CHAIN' 
3 1 DT B 22 ? ? 0.077 'SIDE CHAIN' 
4 1 DG B 25 ? ? 0.065 'SIDE CHAIN' 
# 
_pdbx_nmr_ensemble.entry_id                             1GIZ 
_pdbx_nmr_ensemble.conformers_calculated_total_number   ? 
_pdbx_nmr_ensemble.conformers_submitted_total_number    1 
_pdbx_nmr_ensemble.conformer_selection_criteria         ? 
# 
loop_
_pdbx_nmr_sample_details.solution_id 
_pdbx_nmr_sample_details.contents 
_pdbx_nmr_sample_details.solvent_system 
1 '2.5 mM abasic site containing duplex oligonucleotide; 10 mM sodium phosphate buffer' D2O                
2 '2.5 mM abasic site containing duplex oligonucleotide; 10 mM sodium phosphate buffer' '10% D2O, 90% H2O' 
3 '3 mM abasic site containing duplex oligonucleotide; 10 mM sodium phosphate buffer'   D2O                
# 
loop_
_pdbx_nmr_exptl_sample_conditions.conditions_id 
_pdbx_nmr_exptl_sample_conditions.temperature 
_pdbx_nmr_exptl_sample_conditions.pressure 
_pdbx_nmr_exptl_sample_conditions.pH 
_pdbx_nmr_exptl_sample_conditions.ionic_strength 
_pdbx_nmr_exptl_sample_conditions.pressure_units 
_pdbx_nmr_exptl_sample_conditions.temperature_units 
1 293 ambient 6.8 '10 mM sodium phosphate buffer' ? K 
2 278 ambient 6.8 '10 mM sodium phosphate buffer' ? K 
3 298 ambient 6.8 '10 mM sodium phosphate buffer' ? K 
# 
loop_
_pdbx_nmr_exptl.experiment_id 
_pdbx_nmr_exptl.solution_id 
_pdbx_nmr_exptl.conditions_id 
_pdbx_nmr_exptl.type 
1 1 1 NOESY                         
2 1 1 PE-COSY                       
3 2 2 watergate-NOESY               
4 3 3 31P-HCOSY                     
5 3 3 31P-decoupled-PE-COSY         
6 3 3 31P-decoupled-J-scaled-DQCOSY 
# 
_pdbx_nmr_details.entry_id   1GIZ 
_pdbx_nmr_details.text       
;THE ABASIC SITE DEOXYRIBOSE 1H-1H COUPLING CONSTANTS AND THE DNA 31P-H3' COUPLING CONSTANTS WERE EXPERIMENTALLY DETERMINED. THIS INFORMATION WAS USED IN THE MODELING PROTOCOL.
;
# 
_pdbx_nmr_refine.entry_id           1GIZ 
_pdbx_nmr_refine.method             'molecular dynamics' 
_pdbx_nmr_refine.details            
'THE STRUCTURE IS BASED ON 475 NOE-DERIVED DISTANCE CONSTRAINTS AND 101 DIHEDRAL ANGLE RESTRAINTS.' 
_pdbx_nmr_refine.software_ordinal   1 
# 
loop_
_pdbx_nmr_software.name 
_pdbx_nmr_software.version 
_pdbx_nmr_software.classification 
_pdbx_nmr_software.authors 
_pdbx_nmr_software.ordinal 
X-PLOR 3.851 'structure solution' Brunger 1 
Felix  95.0  processing           MSI     2 
Felix  95.0  'data analysis'      MSI     3 
X-PLOR 3.851 refinement           Brunger 4 
# 
loop_
_chem_comp_atom.comp_id 
_chem_comp_atom.atom_id 
_chem_comp_atom.type_symbol 
_chem_comp_atom.pdbx_aromatic_flag 
_chem_comp_atom.pdbx_stereo_config 
_chem_comp_atom.pdbx_ordinal 
DA  OP3    O N N 1   
DA  P      P N N 2   
DA  OP1    O N N 3   
DA  OP2    O N N 4   
DA  "O5'"  O N N 5   
DA  "C5'"  C N N 6   
DA  "C4'"  C N R 7   
DA  "O4'"  O N N 8   
DA  "C3'"  C N S 9   
DA  "O3'"  O N N 10  
DA  "C2'"  C N N 11  
DA  "C1'"  C N R 12  
DA  N9     N Y N 13  
DA  C8     C Y N 14  
DA  N7     N Y N 15  
DA  C5     C Y N 16  
DA  C6     C Y N 17  
DA  N6     N N N 18  
DA  N1     N Y N 19  
DA  C2     C Y N 20  
DA  N3     N Y N 21  
DA  C4     C Y N 22  
DA  HOP3   H N N 23  
DA  HOP2   H N N 24  
DA  "H5'"  H N N 25  
DA  "H5''" H N N 26  
DA  "H4'"  H N N 27  
DA  "H3'"  H N N 28  
DA  "HO3'" H N N 29  
DA  "H2'"  H N N 30  
DA  "H2''" H N N 31  
DA  "H1'"  H N N 32  
DA  H8     H N N 33  
DA  H61    H N N 34  
DA  H62    H N N 35  
DA  H2     H N N 36  
DC  OP3    O N N 37  
DC  P      P N N 38  
DC  OP1    O N N 39  
DC  OP2    O N N 40  
DC  "O5'"  O N N 41  
DC  "C5'"  C N N 42  
DC  "C4'"  C N R 43  
DC  "O4'"  O N N 44  
DC  "C3'"  C N S 45  
DC  "O3'"  O N N 46  
DC  "C2'"  C N N 47  
DC  "C1'"  C N R 48  
DC  N1     N N N 49  
DC  C2     C N N 50  
DC  O2     O N N 51  
DC  N3     N N N 52  
DC  C4     C N N 53  
DC  N4     N N N 54  
DC  C5     C N N 55  
DC  C6     C N N 56  
DC  HOP3   H N N 57  
DC  HOP2   H N N 58  
DC  "H5'"  H N N 59  
DC  "H5''" H N N 60  
DC  "H4'"  H N N 61  
DC  "H3'"  H N N 62  
DC  "HO3'" H N N 63  
DC  "H2'"  H N N 64  
DC  "H2''" H N N 65  
DC  "H1'"  H N N 66  
DC  H41    H N N 67  
DC  H42    H N N 68  
DC  H5     H N N 69  
DC  H6     H N N 70  
DG  OP3    O N N 71  
DG  P      P N N 72  
DG  OP1    O N N 73  
DG  OP2    O N N 74  
DG  "O5'"  O N N 75  
DG  "C5'"  C N N 76  
DG  "C4'"  C N R 77  
DG  "O4'"  O N N 78  
DG  "C3'"  C N S 79  
DG  "O3'"  O N N 80  
DG  "C2'"  C N N 81  
DG  "C1'"  C N R 82  
DG  N9     N Y N 83  
DG  C8     C Y N 84  
DG  N7     N Y N 85  
DG  C5     C Y N 86  
DG  C6     C N N 87  
DG  O6     O N N 88  
DG  N1     N N N 89  
DG  C2     C N N 90  
DG  N2     N N N 91  
DG  N3     N N N 92  
DG  C4     C Y N 93  
DG  HOP3   H N N 94  
DG  HOP2   H N N 95  
DG  "H5'"  H N N 96  
DG  "H5''" H N N 97  
DG  "H4'"  H N N 98  
DG  "H3'"  H N N 99  
DG  "HO3'" H N N 100 
DG  "H2'"  H N N 101 
DG  "H2''" H N N 102 
DG  "H1'"  H N N 103 
DG  H8     H N N 104 
DG  H1     H N N 105 
DG  H21    H N N 106 
DG  H22    H N N 107 
DT  OP3    O N N 108 
DT  P      P N N 109 
DT  OP1    O N N 110 
DT  OP2    O N N 111 
DT  "O5'"  O N N 112 
DT  "C5'"  C N N 113 
DT  "C4'"  C N R 114 
DT  "O4'"  O N N 115 
DT  "C3'"  C N S 116 
DT  "O3'"  O N N 117 
DT  "C2'"  C N N 118 
DT  "C1'"  C N R 119 
DT  N1     N N N 120 
DT  C2     C N N 121 
DT  O2     O N N 122 
DT  N3     N N N 123 
DT  C4     C N N 124 
DT  O4     O N N 125 
DT  C5     C N N 126 
DT  C7     C N N 127 
DT  C6     C N N 128 
DT  HOP3   H N N 129 
DT  HOP2   H N N 130 
DT  "H5'"  H N N 131 
DT  "H5''" H N N 132 
DT  "H4'"  H N N 133 
DT  "H3'"  H N N 134 
DT  "HO3'" H N N 135 
DT  "H2'"  H N N 136 
DT  "H2''" H N N 137 
DT  "H1'"  H N N 138 
DT  H3     H N N 139 
DT  H71    H N N 140 
DT  H72    H N N 141 
DT  H73    H N N 142 
DT  H6     H N N 143 
ORP C1     C N S 144 
ORP O1     O N N 145 
ORP C2     C N N 146 
ORP C3     C N S 147 
ORP O3     O N N 148 
ORP C4     C N R 149 
ORP O4     O N N 150 
ORP C5     C N N 151 
ORP O5     O N N 152 
ORP P      P N N 153 
ORP O1P    O N N 154 
ORP O2P    O N N 155 
ORP O3P    O N N 156 
ORP H1     H N N 157 
ORP HO1    H N N 158 
ORP H21    H N N 159 
ORP H22    H N N 160 
ORP H3     H N N 161 
ORP HO3    H N N 162 
ORP H4     H N N 163 
ORP H51    H N N 164 
ORP H52    H N N 165 
ORP HOP2   H N N 166 
ORP HOP3   H N N 167 
# 
loop_
_chem_comp_bond.comp_id 
_chem_comp_bond.atom_id_1 
_chem_comp_bond.atom_id_2 
_chem_comp_bond.value_order 
_chem_comp_bond.pdbx_aromatic_flag 
_chem_comp_bond.pdbx_stereo_config 
_chem_comp_bond.pdbx_ordinal 
DA  OP3   P      sing N N 1   
DA  OP3   HOP3   sing N N 2   
DA  P     OP1    doub N N 3   
DA  P     OP2    sing N N 4   
DA  P     "O5'"  sing N N 5   
DA  OP2   HOP2   sing N N 6   
DA  "O5'" "C5'"  sing N N 7   
DA  "C5'" "C4'"  sing N N 8   
DA  "C5'" "H5'"  sing N N 9   
DA  "C5'" "H5''" sing N N 10  
DA  "C4'" "O4'"  sing N N 11  
DA  "C4'" "C3'"  sing N N 12  
DA  "C4'" "H4'"  sing N N 13  
DA  "O4'" "C1'"  sing N N 14  
DA  "C3'" "O3'"  sing N N 15  
DA  "C3'" "C2'"  sing N N 16  
DA  "C3'" "H3'"  sing N N 17  
DA  "O3'" "HO3'" sing N N 18  
DA  "C2'" "C1'"  sing N N 19  
DA  "C2'" "H2'"  sing N N 20  
DA  "C2'" "H2''" sing N N 21  
DA  "C1'" N9     sing N N 22  
DA  "C1'" "H1'"  sing N N 23  
DA  N9    C8     sing Y N 24  
DA  N9    C4     sing Y N 25  
DA  C8    N7     doub Y N 26  
DA  C8    H8     sing N N 27  
DA  N7    C5     sing Y N 28  
DA  C5    C6     sing Y N 29  
DA  C5    C4     doub Y N 30  
DA  C6    N6     sing N N 31  
DA  C6    N1     doub Y N 32  
DA  N6    H61    sing N N 33  
DA  N6    H62    sing N N 34  
DA  N1    C2     sing Y N 35  
DA  C2    N3     doub Y N 36  
DA  C2    H2     sing N N 37  
DA  N3    C4     sing Y N 38  
DC  OP3   P      sing N N 39  
DC  OP3   HOP3   sing N N 40  
DC  P     OP1    doub N N 41  
DC  P     OP2    sing N N 42  
DC  P     "O5'"  sing N N 43  
DC  OP2   HOP2   sing N N 44  
DC  "O5'" "C5'"  sing N N 45  
DC  "C5'" "C4'"  sing N N 46  
DC  "C5'" "H5'"  sing N N 47  
DC  "C5'" "H5''" sing N N 48  
DC  "C4'" "O4'"  sing N N 49  
DC  "C4'" "C3'"  sing N N 50  
DC  "C4'" "H4'"  sing N N 51  
DC  "O4'" "C1'"  sing N N 52  
DC  "C3'" "O3'"  sing N N 53  
DC  "C3'" "C2'"  sing N N 54  
DC  "C3'" "H3'"  sing N N 55  
DC  "O3'" "HO3'" sing N N 56  
DC  "C2'" "C1'"  sing N N 57  
DC  "C2'" "H2'"  sing N N 58  
DC  "C2'" "H2''" sing N N 59  
DC  "C1'" N1     sing N N 60  
DC  "C1'" "H1'"  sing N N 61  
DC  N1    C2     sing N N 62  
DC  N1    C6     sing N N 63  
DC  C2    O2     doub N N 64  
DC  C2    N3     sing N N 65  
DC  N3    C4     doub N N 66  
DC  C4    N4     sing N N 67  
DC  C4    C5     sing N N 68  
DC  N4    H41    sing N N 69  
DC  N4    H42    sing N N 70  
DC  C5    C6     doub N N 71  
DC  C5    H5     sing N N 72  
DC  C6    H6     sing N N 73  
DG  OP3   P      sing N N 74  
DG  OP3   HOP3   sing N N 75  
DG  P     OP1    doub N N 76  
DG  P     OP2    sing N N 77  
DG  P     "O5'"  sing N N 78  
DG  OP2   HOP2   sing N N 79  
DG  "O5'" "C5'"  sing N N 80  
DG  "C5'" "C4'"  sing N N 81  
DG  "C5'" "H5'"  sing N N 82  
DG  "C5'" "H5''" sing N N 83  
DG  "C4'" "O4'"  sing N N 84  
DG  "C4'" "C3'"  sing N N 85  
DG  "C4'" "H4'"  sing N N 86  
DG  "O4'" "C1'"  sing N N 87  
DG  "C3'" "O3'"  sing N N 88  
DG  "C3'" "C2'"  sing N N 89  
DG  "C3'" "H3'"  sing N N 90  
DG  "O3'" "HO3'" sing N N 91  
DG  "C2'" "C1'"  sing N N 92  
DG  "C2'" "H2'"  sing N N 93  
DG  "C2'" "H2''" sing N N 94  
DG  "C1'" N9     sing N N 95  
DG  "C1'" "H1'"  sing N N 96  
DG  N9    C8     sing Y N 97  
DG  N9    C4     sing Y N 98  
DG  C8    N7     doub Y N 99  
DG  C8    H8     sing N N 100 
DG  N7    C5     sing Y N 101 
DG  C5    C6     sing N N 102 
DG  C5    C4     doub Y N 103 
DG  C6    O6     doub N N 104 
DG  C6    N1     sing N N 105 
DG  N1    C2     sing N N 106 
DG  N1    H1     sing N N 107 
DG  C2    N2     sing N N 108 
DG  C2    N3     doub N N 109 
DG  N2    H21    sing N N 110 
DG  N2    H22    sing N N 111 
DG  N3    C4     sing N N 112 
DT  OP3   P      sing N N 113 
DT  OP3   HOP3   sing N N 114 
DT  P     OP1    doub N N 115 
DT  P     OP2    sing N N 116 
DT  P     "O5'"  sing N N 117 
DT  OP2   HOP2   sing N N 118 
DT  "O5'" "C5'"  sing N N 119 
DT  "C5'" "C4'"  sing N N 120 
DT  "C5'" "H5'"  sing N N 121 
DT  "C5'" "H5''" sing N N 122 
DT  "C4'" "O4'"  sing N N 123 
DT  "C4'" "C3'"  sing N N 124 
DT  "C4'" "H4'"  sing N N 125 
DT  "O4'" "C1'"  sing N N 126 
DT  "C3'" "O3'"  sing N N 127 
DT  "C3'" "C2'"  sing N N 128 
DT  "C3'" "H3'"  sing N N 129 
DT  "O3'" "HO3'" sing N N 130 
DT  "C2'" "C1'"  sing N N 131 
DT  "C2'" "H2'"  sing N N 132 
DT  "C2'" "H2''" sing N N 133 
DT  "C1'" N1     sing N N 134 
DT  "C1'" "H1'"  sing N N 135 
DT  N1    C2     sing N N 136 
DT  N1    C6     sing N N 137 
DT  C2    O2     doub N N 138 
DT  C2    N3     sing N N 139 
DT  N3    C4     sing N N 140 
DT  N3    H3     sing N N 141 
DT  C4    O4     doub N N 142 
DT  C4    C5     sing N N 143 
DT  C5    C7     sing N N 144 
DT  C5    C6     doub N N 145 
DT  C7    H71    sing N N 146 
DT  C7    H72    sing N N 147 
DT  C7    H73    sing N N 148 
DT  C6    H6     sing N N 149 
ORP C1    O1     sing N N 150 
ORP C1    C2     sing N N 151 
ORP C1    O4     sing N N 152 
ORP C1    H1     sing N N 153 
ORP O1    HO1    sing N N 154 
ORP C2    C3     sing N N 155 
ORP C2    H21    sing N N 156 
ORP C2    H22    sing N N 157 
ORP C3    O3     sing N N 158 
ORP C3    C4     sing N N 159 
ORP C3    H3     sing N N 160 
ORP O3    HO3    sing N N 161 
ORP C4    O4     sing N N 162 
ORP C4    C5     sing N N 163 
ORP C4    H4     sing N N 164 
ORP C5    O5     sing N N 165 
ORP C5    H51    sing N N 166 
ORP C5    H52    sing N N 167 
ORP O5    P      sing N N 168 
ORP P     O1P    doub N N 169 
ORP P     O2P    sing N N 170 
ORP P     O3P    sing N N 171 
ORP O2P   HOP2   sing N N 172 
ORP O3P   HOP3   sing N N 173 
# 
loop_
_ndb_struct_conf_na.entry_id 
_ndb_struct_conf_na.feature 
1GIZ 'double helix'         
1GIZ 'b-form double helix'  
1GIZ 'mismatched base pair' 
# 
loop_
_ndb_struct_na_base_pair.model_number 
_ndb_struct_na_base_pair.i_label_asym_id 
_ndb_struct_na_base_pair.i_label_comp_id 
_ndb_struct_na_base_pair.i_label_seq_id 
_ndb_struct_na_base_pair.i_symmetry 
_ndb_struct_na_base_pair.j_label_asym_id 
_ndb_struct_na_base_pair.j_label_comp_id 
_ndb_struct_na_base_pair.j_label_seq_id 
_ndb_struct_na_base_pair.j_symmetry 
_ndb_struct_na_base_pair.shear 
_ndb_struct_na_base_pair.stretch 
_ndb_struct_na_base_pair.stagger 
_ndb_struct_na_base_pair.buckle 
_ndb_struct_na_base_pair.propeller 
_ndb_struct_na_base_pair.opening 
_ndb_struct_na_base_pair.pair_number 
_ndb_struct_na_base_pair.pair_name 
_ndb_struct_na_base_pair.i_auth_asym_id 
_ndb_struct_na_base_pair.i_auth_seq_id 
_ndb_struct_na_base_pair.i_PDB_ins_code 
_ndb_struct_na_base_pair.j_auth_asym_id 
_ndb_struct_na_base_pair.j_auth_seq_id 
_ndb_struct_na_base_pair.j_PDB_ins_code 
_ndb_struct_na_base_pair.hbond_type_28 
_ndb_struct_na_base_pair.hbond_type_12 
1 A DC 1  1_555 B DG 13 1_555 0.621  -0.098 -0.502 40.798  -27.508 -0.782  1  A_DC1:DG26_B  A 1  ? B 26 ? 19 1 
1 A DC 2  1_555 B DG 12 1_555 0.469  -0.189 -0.326 28.216  -23.394 -1.766  2  A_DC2:DG25_B  A 2  ? B 25 ? 19 1 
1 A DA 3  1_555 B DT 11 1_555 0.101  -0.169 -0.227 -20.727 -14.346 0.238   3  A_DA3:DT24_B  A 3  ? B 24 ? 20 1 
1 A DA 4  1_555 B DT 10 1_555 -0.015 -0.193 -0.011 -15.997 -5.372  -0.183  4  A_DA4:DT23_B  A 4  ? B 23 ? 20 1 
1 A DA 5  1_555 B DT 9  1_555 -0.093 -0.221 0.166  -11.401 2.688   -6.700  5  A_DA5:DT22_B  A 5  ? B 22 ? 20 1 
1 A DG 6  1_555 B DC 8  1_555 -0.637 -0.398 0.409  0.344   -13.304 -4.072  6  A_DG6:DC21_B  A 6  ? B 21 ? 19 1 
1 A DA 8  1_555 B DT 6  1_555 0.009  -0.133 0.319  11.631  -7.915  -11.575 7  A_DA8:DT19_B  A 8  ? B 19 ? 20 1 
1 A DC 9  1_555 B DG 5  1_555 0.431  -0.071 -0.043 15.359  -6.953  2.689   8  A_DC9:DG18_B  A 9  ? B 18 ? 19 1 
1 A DT 10 1_555 B DA 4  1_555 -0.017 -0.177 -0.170 13.126  -10.034 0.344   9  A_DT10:DA17_B A 10 ? B 17 ? 20 1 
1 A DG 11 1_555 B DC 3  1_555 -0.277 -0.267 0.069  -16.905 -18.127 -2.666  10 A_DG11:DC16_B A 11 ? B 16 ? 19 1 
1 A DG 12 1_555 B DC 2  1_555 -0.490 -0.174 -0.128 -28.869 -23.858 -0.635  11 A_DG12:DC15_B A 12 ? B 15 ? 19 1 
1 A DG 13 1_555 B DC 1  1_555 -0.701 -0.258 0.133  -27.054 -12.701 -2.827  12 A_DG13:DC14_B A 13 ? B 14 ? 19 1 
# 
loop_
_ndb_struct_na_base_pair_step.model_number 
_ndb_struct_na_base_pair_step.i_label_asym_id_1 
_ndb_struct_na_base_pair_step.i_label_comp_id_1 
_ndb_struct_na_base_pair_step.i_label_seq_id_1 
_ndb_struct_na_base_pair_step.i_symmetry_1 
_ndb_struct_na_base_pair_step.j_label_asym_id_1 
_ndb_struct_na_base_pair_step.j_label_comp_id_1 
_ndb_struct_na_base_pair_step.j_label_seq_id_1 
_ndb_struct_na_base_pair_step.j_symmetry_1 
_ndb_struct_na_base_pair_step.i_label_asym_id_2 
_ndb_struct_na_base_pair_step.i_label_comp_id_2 
_ndb_struct_na_base_pair_step.i_label_seq_id_2 
_ndb_struct_na_base_pair_step.i_symmetry_2 
_ndb_struct_na_base_pair_step.j_label_asym_id_2 
_ndb_struct_na_base_pair_step.j_label_comp_id_2 
_ndb_struct_na_base_pair_step.j_label_seq_id_2 
_ndb_struct_na_base_pair_step.j_symmetry_2 
_ndb_struct_na_base_pair_step.shift 
_ndb_struct_na_base_pair_step.slide 
_ndb_struct_na_base_pair_step.rise 
_ndb_struct_na_base_pair_step.tilt 
_ndb_struct_na_base_pair_step.roll 
_ndb_struct_na_base_pair_step.twist 
_ndb_struct_na_base_pair_step.x_displacement 
_ndb_struct_na_base_pair_step.y_displacement 
_ndb_struct_na_base_pair_step.helical_rise 
_ndb_struct_na_base_pair_step.inclination 
_ndb_struct_na_base_pair_step.tip 
_ndb_struct_na_base_pair_step.helical_twist 
_ndb_struct_na_base_pair_step.step_number 
_ndb_struct_na_base_pair_step.step_name 
_ndb_struct_na_base_pair_step.i_auth_asym_id_1 
_ndb_struct_na_base_pair_step.i_auth_seq_id_1 
_ndb_struct_na_base_pair_step.i_PDB_ins_code_1 
_ndb_struct_na_base_pair_step.j_auth_asym_id_1 
_ndb_struct_na_base_pair_step.j_auth_seq_id_1 
_ndb_struct_na_base_pair_step.j_PDB_ins_code_1 
_ndb_struct_na_base_pair_step.i_auth_asym_id_2 
_ndb_struct_na_base_pair_step.i_auth_seq_id_2 
_ndb_struct_na_base_pair_step.i_PDB_ins_code_2 
_ndb_struct_na_base_pair_step.j_auth_asym_id_2 
_ndb_struct_na_base_pair_step.j_auth_seq_id_2 
_ndb_struct_na_base_pair_step.j_PDB_ins_code_2 
1 A DC 1  1_555 B DG 13 1_555 A DC 2  1_555 B DG 12 1_555 0.698  -0.341 3.700 0.006  1.757   38.927 -0.752 -1.045 3.682 2.636   
-0.009 38.965 1  AA_DC1DC2:DG25DG26_BB   A 1  ? B 26 ? A 2  ? B 25 ? 
1 A DC 2  1_555 B DG 12 1_555 A DA 3  1_555 B DT 11 1_555 0.251  -0.739 4.190 2.101  13.279  44.140 -2.378 -0.094 3.834 17.202  
-2.721 46.045 2  AA_DC2DA3:DT24DG25_BB   A 2  ? B 25 ? A 3  ? B 24 ? 
1 A DA 3  1_555 B DT 11 1_555 A DA 4  1_555 B DT 10 1_555 -0.259 -0.433 3.084 -1.304 -3.916  36.672 -0.180 0.241  3.119 -6.200  
2.065  36.896 3  AA_DA3DA4:DT23DT24_BB   A 3  ? B 24 ? A 4  ? B 23 ? 
1 A DA 4  1_555 B DT 10 1_555 A DA 5  1_555 B DT 9  1_555 -0.687 -0.513 3.115 -3.002 -0.842  32.712 -0.767 0.720  3.176 -1.490  
5.314  32.857 4  AA_DA4DA5:DT22DT23_BB   A 4  ? B 23 ? A 5  ? B 22 ? 
1 A DA 5  1_555 B DT 9  1_555 A DG 6  1_555 B DC 8  1_555 -0.361 -0.599 3.082 -0.562 -7.786  35.033 0.102  0.508  3.145 -12.739 
0.920  35.865 5  AA_DA5DG6:DC21DT22_BB   A 5  ? B 22 ? A 6  ? B 21 ? 
1 A DG 6  1_555 B DC 8  1_555 A DA 8  1_555 B DT 6  1_555 0.394  0.209  6.542 -1.940 -17.766 79.009 1.088  -0.405 6.383 -13.802 
1.507  80.681 6  AA_DG6DA8:DT19DC21_BB   A 6  ? B 21 ? A 8  ? B 19 ? 
1 A DA 8  1_555 B DT 6  1_555 A DC 9  1_555 B DG 5  1_555 0.651  0.196  3.272 2.473  -3.473  35.123 0.836  -0.706 3.275 -5.728  
-4.079 35.372 7  AA_DA8DC9:DG18DT19_BB   A 8  ? B 19 ? A 9  ? B 18 ? 
1 A DC 9  1_555 B DG 5  1_555 A DT 10 1_555 B DA 4  1_555 0.181  -0.644 3.286 1.141  -1.337  36.579 -0.839 -0.129 3.311 -2.129  
-1.817 36.620 8  AA_DC9DT10:DA17DG18_BB  A 9  ? B 18 ? A 10 ? B 17 ? 
1 A DT 10 1_555 B DA 4  1_555 A DG 11 1_555 B DC 3  1_555 -0.215 -0.829 3.885 -5.627 5.181   41.050 -1.806 -0.395 3.754 7.312   
7.941  41.726 9  AA_DT10DG11:DC16DA17_BB A 10 ? B 17 ? A 11 ? B 16 ? 
1 A DG 11 1_555 B DC 3  1_555 A DG 12 1_555 B DC 2  1_555 -0.109 -0.915 3.470 3.334  4.829   38.828 -1.963 0.577  3.316 7.214   
-4.980 39.252 10 AA_DG11DG12:DC15DC16_BB A 11 ? B 16 ? A 12 ? B 15 ? 
1 A DG 12 1_555 B DC 2  1_555 A DG 13 1_555 B DC 1  1_555 -0.644 -0.286 3.184 -2.745 -0.755  38.601 -0.341 0.642  3.225 -1.140  
4.146  38.702 11 AA_DG12DG13:DC14DC15_BB A 12 ? B 15 ? A 13 ? B 14 ? 
# 
loop_
_pdbx_nmr_spectrometer.spectrometer_id 
_pdbx_nmr_spectrometer.model 
_pdbx_nmr_spectrometer.manufacturer 
_pdbx_nmr_spectrometer.field_strength 
_pdbx_nmr_spectrometer.type 
1 HOME-BUILT Home-built 750 ? 
2 HOME-BUILT Home-built 600 ? 
# 
_atom_sites.entry_id                    1GIZ 
_atom_sites.fract_transf_matrix[1][1]   1.000000 
_atom_sites.fract_transf_matrix[1][2]   0.000000 
_atom_sites.fract_transf_matrix[1][3]   0.000000 
_atom_sites.fract_transf_matrix[2][1]   0.000000 
_atom_sites.fract_transf_matrix[2][2]   1.000000 
_atom_sites.fract_transf_matrix[2][3]   0.000000 
_atom_sites.fract_transf_matrix[3][1]   0.000000 
_atom_sites.fract_transf_matrix[3][2]   0.000000 
_atom_sites.fract_transf_matrix[3][3]   1.000000 
_atom_sites.fract_transf_vector[1]      0.00000 
_atom_sites.fract_transf_vector[2]      0.00000 
_atom_sites.fract_transf_vector[3]      0.00000 
# 
loop_
_atom_type.symbol 
C 
H 
N 
O 
P 
# 
loop_
_atom_site.group_PDB 
_atom_site.id 
_atom_site.type_symbol 
_atom_site.label_atom_id 
_atom_site.label_alt_id 
_atom_site.label_comp_id 
_atom_site.label_asym_id 
_atom_site.label_entity_id 
_atom_site.label_seq_id 
_atom_site.pdbx_PDB_ins_code 
_atom_site.Cartn_x 
_atom_site.Cartn_y 
_atom_site.Cartn_z 
_atom_site.occupancy 
_atom_site.B_iso_or_equiv 
_atom_site.pdbx_formal_charge 
_atom_site.auth_seq_id 
_atom_site.auth_comp_id 
_atom_site.auth_asym_id 
_atom_site.auth_atom_id 
_atom_site.pdbx_PDB_model_num 
ATOM   1   O "O5'"  . DC  A 1 1  ? 11.399  -19.369 -1.563  1.00 10.00 ? 1  DC  A "O5'"  1 
ATOM   2   C "C5'"  . DC  A 1 1  ? 12.786  -19.594 -1.801  1.00 10.00 ? 1  DC  A "C5'"  1 
ATOM   3   C "C4'"  . DC  A 1 1  ? 13.431  -18.373 -2.462  1.00 10.00 ? 1  DC  A "C4'"  1 
ATOM   4   O "O4'"  . DC  A 1 1  ? 12.663  -17.968 -3.637  1.00 10.00 ? 1  DC  A "O4'"  1 
ATOM   5   C "C3'"  . DC  A 1 1  ? 13.427  -17.153 -1.528  1.00 10.00 ? 1  DC  A "C3'"  1 
ATOM   6   O "O3'"  . DC  A 1 1  ? 14.773  -16.743 -1.300  1.00 10.00 ? 1  DC  A "O3'"  1 
ATOM   7   C "C2'"  . DC  A 1 1  ? 12.580  -16.109 -2.291  1.00 10.00 ? 1  DC  A "C2'"  1 
ATOM   8   C "C1'"  . DC  A 1 1  ? 12.752  -16.565 -3.733  1.00 10.00 ? 1  DC  A "C1'"  1 
ATOM   9   N N1     . DC  A 1 1  ? 11.726  -16.103 -4.711  1.00 10.00 ? 1  DC  A N1     1 
ATOM   10  C C2     . DC  A 1 1  ? 12.166  -15.847 -6.043  1.00 10.00 ? 1  DC  A C2     1 
ATOM   11  O O2     . DC  A 1 1  ? 13.367  -15.846 -6.355  1.00 10.00 ? 1  DC  A O2     1 
ATOM   12  N N3     . DC  A 1 1  ? 11.230  -15.580 -7.007  1.00 10.00 ? 1  DC  A N3     1 
ATOM   13  C C4     . DC  A 1 1  ? 9.918   -15.547 -6.721  1.00 10.00 ? 1  DC  A C4     1 
ATOM   14  N N4     . DC  A 1 1  ? 9.036   -15.248 -7.702  1.00 10.00 ? 1  DC  A N4     1 
ATOM   15  C C5     . DC  A 1 1  ? 9.454   -15.819 -5.388  1.00 10.00 ? 1  DC  A C5     1 
ATOM   16  C C6     . DC  A 1 1  ? 10.365  -16.093 -4.440  1.00 10.00 ? 1  DC  A C6     1 
ATOM   17  H "H5'"  . DC  A 1 1  ? 12.892  -20.475 -2.473  1.00 10.00 ? 1  DC  A "H5'"  1 
ATOM   18  H "H5''" . DC  A 1 1  ? 13.298  -19.820 -0.840  1.00 10.00 ? 1  DC  A "H5''" 1 
ATOM   19  H "H4'"  . DC  A 1 1  ? 14.461  -18.613 -2.800  1.00 10.00 ? 1  DC  A "H4'"  1 
ATOM   20  H "H3'"  . DC  A 1 1  ? 12.928  -17.411 -0.565  1.00 10.00 ? 1  DC  A "H3'"  1 
ATOM   21  H "H2'"  . DC  A 1 1  ? 11.527  -16.196 -1.957  1.00 10.00 ? 1  DC  A "H2'"  1 
ATOM   22  H "H2''" . DC  A 1 1  ? 12.916  -15.065 -2.151  1.00 10.00 ? 1  DC  A "H2''" 1 
ATOM   23  H "H1'"  . DC  A 1 1  ? 13.791  -16.322 -4.060  1.00 10.00 ? 1  DC  A "H1'"  1 
ATOM   24  H H41    . DC  A 1 1  ? 9.419   -14.988 -8.599  1.00 10.00 ? 1  DC  A H41    1 
ATOM   25  H H42    . DC  A 1 1  ? 8.065   -15.091 -7.524  1.00 10.00 ? 1  DC  A H42    1 
ATOM   26  H H5     . DC  A 1 1  ? 8.386   -15.804 -5.179  1.00 10.00 ? 1  DC  A H5     1 
ATOM   27  H H6     . DC  A 1 1  ? 10.067  -16.347 -3.424  1.00 10.00 ? 1  DC  A H6     1 
ATOM   28  H "HO5'" . DC  A 1 1  ? 11.154  -18.765 -2.277  1.00 10.00 ? 1  DC  A "HO5'" 1 
ATOM   29  P P      . DC  A 1 2  ? 15.061  -15.545 -0.303  1.00 10.00 ? 2  DC  A P      1 
ATOM   30  O OP1    . DC  A 1 2  ? 16.390  -15.749 0.304   1.00 10.00 ? 2  DC  A OP1    1 
ATOM   31  O OP2    . DC  A 1 2  ? 13.899  -15.373 0.601   1.00 10.00 ? 2  DC  A OP2    1 
ATOM   32  O "O5'"  . DC  A 1 2  ? 15.133  -14.304 -1.268  1.00 10.00 ? 2  DC  A "O5'"  1 
ATOM   33  C "C5'"  . DC  A 1 2  ? 16.236  -14.178 -2.167  1.00 10.00 ? 2  DC  A "C5'"  1 
ATOM   34  C "C4'"  . DC  A 1 2  ? 16.132  -12.911 -3.033  1.00 10.00 ? 2  DC  A "C4'"  1 
ATOM   35  O "O4'"  . DC  A 1 2  ? 14.938  -12.982 -3.885  1.00 10.00 ? 2  DC  A "O4'"  1 
ATOM   36  C "C3'"  . DC  A 1 2  ? 15.991  -11.626 -2.200  1.00 10.00 ? 2  DC  A "C3'"  1 
ATOM   37  O "O3'"  . DC  A 1 2  ? 16.735  -10.573 -2.808  1.00 10.00 ? 2  DC  A "O3'"  1 
ATOM   38  C "C2'"  . DC  A 1 2  ? 14.474  -11.388 -2.248  1.00 10.00 ? 2  DC  A "C2'"  1 
ATOM   39  C "C1'"  . DC  A 1 2  ? 14.155  -11.818 -3.678  1.00 10.00 ? 2  DC  A "C1'"  1 
ATOM   40  N N1     . DC  A 1 2  ? 12.731  -12.152 -3.988  1.00 10.00 ? 2  DC  A N1     1 
ATOM   41  C C2     . DC  A 1 2  ? 12.303  -11.959 -5.331  1.00 10.00 ? 2  DC  A C2     1 
ATOM   42  O O2     . DC  A 1 2  ? 13.073  -11.542 -6.207  1.00 10.00 ? 2  DC  A O2     1 
ATOM   43  N N3     . DC  A 1 2  ? 10.990  -12.190 -5.653  1.00 10.00 ? 2  DC  A N3     1 
ATOM   44  C C4     . DC  A 1 2  ? 10.097  -12.540 -4.719  1.00 10.00 ? 2  DC  A C4     1 
ATOM   45  N N4     . DC  A 1 2  ? 8.799   -12.672 -5.077  1.00 10.00 ? 2  DC  A N4     1 
ATOM   46  C C5     . DC  A 1 2  ? 10.510  -12.765 -3.359  1.00 10.00 ? 2  DC  A C5     1 
ATOM   47  C C6     . DC  A 1 2  ? 11.804  -12.575 -3.046  1.00 10.00 ? 2  DC  A C6     1 
ATOM   48  H "H5'"  . DC  A 1 2  ? 16.282  -15.059 -2.849  1.00 10.00 ? 2  DC  A "H5'"  1 
ATOM   49  H "H5''" . DC  A 1 2  ? 17.192  -14.133 -1.593  1.00 10.00 ? 2  DC  A "H5''" 1 
ATOM   50  H "H4'"  . DC  A 1 2  ? 17.018  -12.850 -3.701  1.00 10.00 ? 2  DC  A "H4'"  1 
ATOM   51  H "H3'"  . DC  A 1 2  ? 16.334  -11.802 -1.155  1.00 10.00 ? 2  DC  A "H3'"  1 
ATOM   52  H "H2'"  . DC  A 1 2  ? 13.994  -12.058 -1.506  1.00 10.00 ? 2  DC  A "H2'"  1 
ATOM   53  H "H2''" . DC  A 1 2  ? 14.187  -10.344 -2.034  1.00 10.00 ? 2  DC  A "H2''" 1 
ATOM   54  H "H1'"  . DC  A 1 2  ? 14.559  -11.043 -4.372  1.00 10.00 ? 2  DC  A "H1'"  1 
ATOM   55  H H41    . DC  A 1 2  ? 8.560   -12.410 -6.024  1.00 10.00 ? 2  DC  A H41    1 
ATOM   56  H H42    . DC  A 1 2  ? 8.075   -12.821 -4.408  1.00 10.00 ? 2  DC  A H42    1 
ATOM   57  H H5     . DC  A 1 2  ? 9.776   -13.083 -2.620  1.00 10.00 ? 2  DC  A H5     1 
ATOM   58  H H6     . DC  A 1 2  ? 12.171  -12.763 -2.038  1.00 10.00 ? 2  DC  A H6     1 
ATOM   59  P P      . DA  A 1 3  ? 16.799  -9.120  -2.181  1.00 10.00 ? 3  DA  A P      1 
ATOM   60  O OP1    . DA  A 1 3  ? 18.195  -8.639  -2.254  1.00 10.00 ? 3  DA  A OP1    1 
ATOM   61  O OP2    . DA  A 1 3  ? 16.129  -9.091  -0.860  1.00 10.00 ? 3  DA  A OP2    1 
ATOM   62  O "O5'"  . DA  A 1 3  ? 15.908  -8.283  -3.219  1.00 10.00 ? 3  DA  A "O5'"  1 
ATOM   63  C "C5'"  . DA  A 1 3  ? 16.554  -7.917  -4.454  1.00 10.00 ? 3  DA  A "C5'"  1 
ATOM   64  C "C4'"  . DA  A 1 3  ? 15.704  -7.057  -5.425  1.00 10.00 ? 3  DA  A "C4'"  1 
ATOM   65  O "O4'"  . DA  A 1 3  ? 14.503  -7.777  -5.868  1.00 10.00 ? 3  DA  A "O4'"  1 
ATOM   66  C "C3'"  . DA  A 1 3  ? 15.224  -5.718  -4.848  1.00 10.00 ? 3  DA  A "C3'"  1 
ATOM   67  O "O3'"  . DA  A 1 3  ? 15.457  -4.676  -5.794  1.00 10.00 ? 3  DA  A "O3'"  1 
ATOM   68  C "C2'"  . DA  A 1 3  ? 13.753  -6.014  -4.552  1.00 10.00 ? 3  DA  A "C2'"  1 
ATOM   69  C "C1'"  . DA  A 1 3  ? 13.352  -6.967  -5.660  1.00 10.00 ? 3  DA  A "C1'"  1 
ATOM   70  N N9     . DA  A 1 3  ? 12.271  -7.847  -5.195  1.00 10.00 ? 3  DA  A N9     1 
ATOM   71  C C8     . DA  A 1 3  ? 12.312  -8.616  -4.078  1.00 10.00 ? 3  DA  A C8     1 
ATOM   72  N N7     . DA  A 1 3  ? 11.176  -9.192  -3.749  1.00 10.00 ? 3  DA  A N7     1 
ATOM   73  C C5     . DA  A 1 3  ? 10.312  -8.738  -4.725  1.00 10.00 ? 3  DA  A C5     1 
ATOM   74  C C6     . DA  A 1 3  ? 8.943   -8.987  -4.912  1.00 10.00 ? 3  DA  A C6     1 
ATOM   75  N N6     . DA  A 1 3  ? 8.247   -9.789  -4.067  1.00 10.00 ? 3  DA  A N6     1 
ATOM   76  N N1     . DA  A 1 3  ? 8.373   -8.385  -5.986  1.00 10.00 ? 3  DA  A N1     1 
ATOM   77  C C2     . DA  A 1 3  ? 9.096   -7.590  -6.790  1.00 10.00 ? 3  DA  A C2     1 
ATOM   78  N N3     . DA  A 1 3  ? 10.385  -7.285  -6.693  1.00 10.00 ? 3  DA  A N3     1 
ATOM   79  C C4     . DA  A 1 3  ? 10.949  -7.904  -5.633  1.00 10.00 ? 3  DA  A C4     1 
ATOM   80  H "H5'"  . DA  A 1 3  ? 16.852  -8.838  -5.010  1.00 10.00 ? 3  DA  A "H5'"  1 
ATOM   81  H "H5''" . DA  A 1 3  ? 17.482  -7.336  -4.240  1.00 10.00 ? 3  DA  A "H5''" 1 
ATOM   82  H "H4'"  . DA  A 1 3  ? 16.312  -6.876  -6.340  1.00 10.00 ? 3  DA  A "H4'"  1 
ATOM   83  H "H3'"  . DA  A 1 3  ? 15.704  -5.457  -3.885  1.00 10.00 ? 3  DA  A "H3'"  1 
ATOM   84  H "H2'"  . DA  A 1 3  ? 13.705  -6.504  -3.556  1.00 10.00 ? 3  DA  A "H2'"  1 
ATOM   85  H "H2''" . DA  A 1 3  ? 13.099  -5.138  -4.504  1.00 10.00 ? 3  DA  A "H2''" 1 
ATOM   86  H "H1'"  . DA  A 1 3  ? 13.115  -6.429  -6.606  1.00 10.00 ? 3  DA  A "H1'"  1 
ATOM   87  H H8     . DA  A 1 3  ? 13.252  -8.584  -3.525  1.00 10.00 ? 3  DA  A H8     1 
ATOM   88  H H61    . DA  A 1 3  ? 7.299   -10.010 -4.332  1.00 10.00 ? 3  DA  A H61    1 
ATOM   89  H H62    . DA  A 1 3  ? 8.713   -10.213 -3.292  1.00 10.00 ? 3  DA  A H62    1 
ATOM   90  H H2     . DA  A 1 3  ? 8.566   -7.128  -7.631  1.00 10.00 ? 3  DA  A H2     1 
ATOM   91  P P      . DA  A 1 4  ? 14.888  -3.218  -5.581  1.00 10.00 ? 4  DA  A P      1 
ATOM   92  O OP1    . DA  A 1 4  ? 15.750  -2.228  -6.265  1.00 10.00 ? 4  DA  A OP1    1 
ATOM   93  O OP2    . DA  A 1 4  ? 14.588  -2.991  -4.147  1.00 10.00 ? 4  DA  A OP2    1 
ATOM   94  O "O5'"  . DA  A 1 4  ? 13.508  -3.336  -6.329  1.00 10.00 ? 4  DA  A "O5'"  1 
ATOM   95  C "C5'"  . DA  A 1 4  ? 13.423  -3.361  -7.750  1.00 10.00 ? 4  DA  A "C5'"  1 
ATOM   96  C "C4'"  . DA  A 1 4  ? 12.033  -2.922  -8.251  1.00 10.00 ? 4  DA  A "C4'"  1 
ATOM   97  O "O4'"  . DA  A 1 4  ? 11.007  -3.894  -7.837  1.00 10.00 ? 4  DA  A "O4'"  1 
ATOM   98  C "C3'"  . DA  A 1 4  ? 11.621  -1.560  -7.672  1.00 10.00 ? 4  DA  A "C3'"  1 
ATOM   99  O "O3'"  . DA  A 1 4  ? 11.013  -0.774  -8.680  1.00 10.00 ? 4  DA  A "O3'"  1 
ATOM   100 C "C2'"  . DA  A 1 4  ? 10.662  -1.967  -6.549  1.00 10.00 ? 4  DA  A "C2'"  1 
ATOM   101 C "C1'"  . DA  A 1 4  ? 9.997   -3.242  -7.072  1.00 10.00 ? 4  DA  A "C1'"  1 
ATOM   102 N N9     . DA  A 1 4  ? 9.589   -4.143  -5.962  1.00 10.00 ? 4  DA  A N9     1 
ATOM   103 C C8     . DA  A 1 4  ? 10.355  -4.501  -4.884  1.00 10.00 ? 4  DA  A C8     1 
ATOM   104 N N7     . DA  A 1 4  ? 9.737   -5.247  -3.989  1.00 10.00 ? 4  DA  A N7     1 
ATOM   105 C C5     . DA  A 1 4  ? 8.471   -5.404  -4.523  1.00 10.00 ? 4  DA  A C5     1 
ATOM   106 C C6     . DA  A 1 4  ? 7.357   -6.118  -4.038  1.00 10.00 ? 4  DA  A C6     1 
ATOM   107 N N6     . DA  A 1 4  ? 7.439   -6.871  -2.915  1.00 10.00 ? 4  DA  A N6     1 
ATOM   108 N N1     . DA  A 1 4  ? 6.220   -6.053  -4.773  1.00 10.00 ? 4  DA  A N1     1 
ATOM   109 C C2     . DA  A 1 4  ? 6.209   -5.382  -5.934  1.00 10.00 ? 4  DA  A C2     1 
ATOM   110 N N3     . DA  A 1 4  ? 7.211   -4.710  -6.504  1.00 10.00 ? 4  DA  A N3     1 
ATOM   111 C C4     . DA  A 1 4  ? 8.332   -4.742  -5.732  1.00 10.00 ? 4  DA  A C4     1 
ATOM   112 H "H5'"  . DA  A 1 4  ? 13.622  -4.394  -8.117  1.00 10.00 ? 4  DA  A "H5'"  1 
ATOM   113 H "H5''" . DA  A 1 4  ? 14.180  -2.682  -8.210  1.00 10.00 ? 4  DA  A "H5''" 1 
ATOM   114 H "H4'"  . DA  A 1 4  ? 12.036  -2.895  -9.361  1.00 10.00 ? 4  DA  A "H4'"  1 
ATOM   115 H "H3'"  . DA  A 1 4  ? 12.511  -1.031  -7.257  1.00 10.00 ? 4  DA  A "H3'"  1 
ATOM   116 H "H2'"  . DA  A 1 4  ? 11.264  -2.181  -5.642  1.00 10.00 ? 4  DA  A "H2'"  1 
ATOM   117 H "H2''" . DA  A 1 4  ? 9.930   -1.198  -6.274  1.00 10.00 ? 4  DA  A "H2''" 1 
ATOM   118 H "H1'"  . DA  A 1 4  ? 9.161   -3.003  -7.768  1.00 10.00 ? 4  DA  A "H1'"  1 
ATOM   119 H H8     . DA  A 1 4  ? 11.401  -4.155  -4.860  1.00 10.00 ? 4  DA  A H8     1 
ATOM   120 H H61    . DA  A 1 4  ? 6.645   -7.454  -2.695  1.00 10.00 ? 4  DA  A H61    1 
ATOM   121 H H62    . DA  A 1 4  ? 8.333   -7.004  -2.486  1.00 10.00 ? 4  DA  A H62    1 
ATOM   122 H H2     . DA  A 1 4  ? 5.268   -5.389  -6.492  1.00 10.00 ? 4  DA  A H2     1 
ATOM   123 P P      . DA  A 1 5  ? 10.491  0.699   -8.508  1.00 10.00 ? 5  DA  A P      1 
ATOM   124 O OP1    . DA  A 1 5  ? 10.678  1.394   -9.803  1.00 10.00 ? 5  DA  A OP1    1 
ATOM   125 O OP2    . DA  A 1 5  ? 11.100  1.335   -7.316  1.00 10.00 ? 5  DA  A OP2    1 
ATOM   126 O "O5'"  . DA  A 1 5  ? 8.923   0.429   -8.278  1.00 10.00 ? 5  DA  A "O5'"  1 
ATOM   127 C "C5'"  . DA  A 1 5  ? 8.225   0.060   -9.493  1.00 10.00 ? 5  DA  A "C5'"  1 
ATOM   128 C "C4'"  . DA  A 1 5  ? 6.713   -0.238  -9.350  1.00 10.00 ? 5  DA  A "C4'"  1 
ATOM   129 O "O4'"  . DA  A 1 5  ? 6.505   -1.345  -8.418  1.00 10.00 ? 5  DA  A "O4'"  1 
ATOM   130 C "C3'"  . DA  A 1 5  ? 5.842   0.921   -8.843  1.00 10.00 ? 5  DA  A "C3'"  1 
ATOM   131 O "O3'"  . DA  A 1 5  ? 4.619   0.952   -9.580  1.00 10.00 ? 5  DA  A "O3'"  1 
ATOM   132 C "C2'"  . DA  A 1 5  ? 5.627   0.525   -7.376  1.00 10.00 ? 5  DA  A "C2'"  1 
ATOM   133 C "C1'"  . DA  A 1 5  ? 5.502   -0.988  -7.482  1.00 10.00 ? 5  DA  A "C1'"  1 
ATOM   134 N N9     . DA  A 1 5  ? 5.808   -1.664  -6.208  1.00 10.00 ? 5  DA  A N9     1 
ATOM   135 C C8     . DA  A 1 5  ? 6.999   -1.654  -5.545  1.00 10.00 ? 5  DA  A C8     1 
ATOM   136 N N7     . DA  A 1 5  ? 6.986   -2.259  -4.379  1.00 10.00 ? 5  DA  A N7     1 
ATOM   137 C C5     . DA  A 1 5  ? 5.695   -2.754  -4.299  1.00 10.00 ? 5  DA  A C5     1 
ATOM   138 C C6     . DA  A 1 5  ? 5.089   -3.553  -3.311  1.00 10.00 ? 5  DA  A C6     1 
ATOM   139 N N6     . DA  A 1 5  ? 5.827   -3.923  -2.238  1.00 10.00 ? 5  DA  A N6     1 
ATOM   140 N N1     . DA  A 1 5  ? 3.796   -3.938  -3.529  1.00 10.00 ? 5  DA  A N1     1 
ATOM   141 C C2     . DA  A 1 5  ? 3.178   -3.530  -4.649  1.00 10.00 ? 5  DA  A C2     1 
ATOM   142 N N3     . DA  A 1 5  ? 3.654   -2.756  -5.630  1.00 10.00 ? 5  DA  A N3     1 
ATOM   143 C C4     . DA  A 1 5  ? 4.936   -2.398  -5.392  1.00 10.00 ? 5  DA  A C4     1 
ATOM   144 H "H5'"  . DA  A 1 5  ? 8.687   -0.854  -9.941  1.00 10.00 ? 5  DA  A "H5'"  1 
ATOM   145 H "H5''" . DA  A 1 5  ? 8.309   0.882   -10.244 1.00 10.00 ? 5  DA  A "H5''" 1 
ATOM   146 H "H4'"  . DA  A 1 5  ? 6.337   -0.581  -10.341 1.00 10.00 ? 5  DA  A "H4'"  1 
ATOM   147 H "H3'"  . DA  A 1 5  ? 6.385   1.888   -8.934  1.00 10.00 ? 5  DA  A "H3'"  1 
ATOM   148 H "H2'"  . DA  A 1 5  ? 6.531   0.811   -6.795  1.00 10.00 ? 5  DA  A "H2'"  1 
ATOM   149 H "H2''" . DA  A 1 5  ? 4.737   0.986   -6.913  1.00 10.00 ? 5  DA  A "H2''" 1 
ATOM   150 H "H1'"  . DA  A 1 5  ? 4.517   -1.288  -7.905  1.00 10.00 ? 5  DA  A "H1'"  1 
ATOM   151 H H8     . DA  A 1 5  ? 7.871   -1.238  -6.059  1.00 10.00 ? 5  DA  A H8     1 
ATOM   152 H H61    . DA  A 1 5  ? 5.425   -4.599  -1.606  1.00 10.00 ? 5  DA  A H61    1 
ATOM   153 H H62    . DA  A 1 5  ? 6.806   -3.714  -2.253  1.00 10.00 ? 5  DA  A H62    1 
ATOM   154 H H2     . DA  A 1 5  ? 2.149   -3.880  -4.782  1.00 10.00 ? 5  DA  A H2     1 
ATOM   155 P P      . DG  A 1 6  ? 3.482   2.022   -9.306  1.00 10.00 ? 6  DG  A P      1 
ATOM   156 O OP1    . DG  A 1 6  ? 3.011   2.579   -10.591 1.00 10.00 ? 6  DG  A OP1    1 
ATOM   157 O OP2    . DG  A 1 6  ? 3.933   2.994   -8.283  1.00 10.00 ? 6  DG  A OP2    1 
ATOM   158 O "O5'"  . DG  A 1 6  ? 2.329   1.141   -8.662  1.00 10.00 ? 6  DG  A "O5'"  1 
ATOM   159 C "C5'"  . DG  A 1 6  ? 1.644   0.199   -9.503  1.00 10.00 ? 6  DG  A "C5'"  1 
ATOM   160 C "C4'"  . DG  A 1 6  ? 0.534   -0.609  -8.783  1.00 10.00 ? 6  DG  A "C4'"  1 
ATOM   161 O "O4'"  . DG  A 1 6  ? 1.053   -1.170  -7.538  1.00 10.00 ? 6  DG  A "O4'"  1 
ATOM   162 C "C3'"  . DG  A 1 6  ? -0.692  0.239   -8.399  1.00 10.00 ? 6  DG  A "C3'"  1 
ATOM   163 O "O3'"  . DG  A 1 6  ? -1.868  -0.568  -8.508  1.00 10.00 ? 6  DG  A "O3'"  1 
ATOM   164 C "C2'"  . DG  A 1 6  ? -0.352  0.601   -6.951  1.00 10.00 ? 6  DG  A "C2'"  1 
ATOM   165 C "C1'"  . DG  A 1 6  ? 0.246   -0.719  -6.460  1.00 10.00 ? 6  DG  A "C1'"  1 
ATOM   166 N N9     . DG  A 1 6  ? 1.108   -0.582  -5.266  1.00 10.00 ? 6  DG  A N9     1 
ATOM   167 C C8     . DG  A 1 6  ? 2.182   0.228   -5.118  1.00 10.00 ? 6  DG  A C8     1 
ATOM   168 N N7     . DG  A 1 6  ? 2.803   0.109   -3.958  1.00 10.00 ? 6  DG  A N7     1 
ATOM   169 C C5     . DG  A 1 6  ? 2.092   -0.873  -3.294  1.00 10.00 ? 6  DG  A C5     1 
ATOM   170 C C6     . DG  A 1 6  ? 2.314   -1.451  -2.022  1.00 10.00 ? 6  DG  A C6     1 
ATOM   171 O O6     . DG  A 1 6  ? 3.230   -1.172  -1.238  1.00 10.00 ? 6  DG  A O6     1 
ATOM   172 N N1     . DG  A 1 6  ? 1.357   -2.438  -1.729  1.00 10.00 ? 6  DG  A N1     1 
ATOM   173 C C2     . DG  A 1 6  ? 0.296   -2.814  -2.535  1.00 10.00 ? 6  DG  A C2     1 
ATOM   174 N N2     . DG  A 1 6  ? -0.494  -3.752  -1.987  1.00 10.00 ? 6  DG  A N2     1 
ATOM   175 N N3     . DG  A 1 6  ? 0.119   -2.270  -3.755  1.00 10.00 ? 6  DG  A N3     1 
ATOM   176 C C4     . DG  A 1 6  ? 1.025   -1.315  -4.077  1.00 10.00 ? 6  DG  A C4     1 
ATOM   177 H "H5'"  . DG  A 1 6  ? 2.376   -0.541  -9.903  1.00 10.00 ? 6  DG  A "H5'"  1 
ATOM   178 H "H5''" . DG  A 1 6  ? 1.181   0.718   -10.373 1.00 10.00 ? 6  DG  A "H5''" 1 
ATOM   179 H "H4'"  . DG  A 1 6  ? 0.218   -1.454  -9.434  1.00 10.00 ? 6  DG  A "H4'"  1 
ATOM   180 H "H3'"  . DG  A 1 6  ? -0.711  1.097   -9.108  1.00 10.00 ? 6  DG  A "H3'"  1 
ATOM   181 H "H2'"  . DG  A 1 6  ? 0.403   1.412   -6.950  1.00 10.00 ? 6  DG  A "H2'"  1 
ATOM   182 H "H2''" . DG  A 1 6  ? -1.201  0.913   -6.332  1.00 10.00 ? 6  DG  A "H2''" 1 
ATOM   183 H "H1'"  . DG  A 1 6  ? -0.552  -1.480  -6.314  1.00 10.00 ? 6  DG  A "H1'"  1 
ATOM   184 H H8     . DG  A 1 6  ? 2.364   0.923   -5.940  1.00 10.00 ? 6  DG  A H8     1 
ATOM   185 H H1     . DG  A 1 6  ? 1.529   -2.966  -0.878  1.00 10.00 ? 6  DG  A H1     1 
ATOM   186 H H21    . DG  A 1 6  ? -0.331  -4.049  -1.033  1.00 10.00 ? 6  DG  A H21    1 
ATOM   187 H H22    . DG  A 1 6  ? -1.225  -4.145  -2.542  1.00 10.00 ? 6  DG  A H22    1 
HETATM 188 C C1     . ORP A 1 7  ? -3.220  -3.107  -5.320  1.00 10.00 ? 7  ORP A C1     1 
HETATM 189 O O1     . ORP A 1 7  ? -3.559  -3.872  -6.447  1.00 10.00 ? 7  ORP A O1     1 
HETATM 190 C C2     . ORP A 1 7  ? -4.356  -2.976  -4.323  1.00 10.00 ? 7  ORP A C2     1 
HETATM 191 C C3     . ORP A 1 7  ? -5.085  -1.647  -4.662  1.00 10.00 ? 7  ORP A C3     1 
HETATM 192 O O3     . ORP A 1 7  ? -6.467  -1.882  -4.926  1.00 10.00 ? 7  ORP A O3     1 
HETATM 193 C C4     . ORP A 1 7  ? -4.386  -1.236  -5.974  1.00 10.00 ? 7  ORP A C4     1 
HETATM 194 O O4     . ORP A 1 7  ? -3.066  -1.825  -5.848  1.00 10.00 ? 7  ORP A O4     1 
HETATM 195 C C5     . ORP A 1 7  ? -4.281  0.290   -6.176  1.00 10.00 ? 7  ORP A C5     1 
HETATM 196 O O5     . ORP A 1 7  ? -3.667  0.771   -7.375  1.00 10.00 ? 7  ORP A O5     1 
HETATM 197 P P      . ORP A 1 7  ? -3.296  0.059   -8.744  1.00 10.00 ? 7  ORP A P      1 
HETATM 198 O O1P    . ORP A 1 7  ? -4.265  -1.025  -9.029  1.00 10.00 ? 7  ORP A O1P    1 
HETATM 199 O O2P    . ORP A 1 7  ? -3.161  1.102   -9.789  1.00 10.00 ? 7  ORP A O2P    1 
HETATM 200 H H1     . ORP A 1 7  ? -2.264  -3.422  -4.848  1.00 10.00 ? 7  ORP A H1     1 
HETATM 201 H HO1    . ORP A 1 7  ? -3.511  -3.179  -7.118  1.00 10.00 ? 7  ORP A HO1    1 
HETATM 202 H H21    . ORP A 1 7  ? -3.952  -2.998  -3.294  1.00 10.00 ? 7  ORP A H21    1 
HETATM 203 H H22    . ORP A 1 7  ? -5.026  -3.850  -4.471  1.00 10.00 ? 7  ORP A H22    1 
HETATM 204 H H3     . ORP A 1 7  ? -4.920  -0.853  -3.879  1.00 10.00 ? 7  ORP A H3     1 
HETATM 205 H H4     . ORP A 1 7  ? -4.897  -1.708  -6.839  1.00 10.00 ? 7  ORP A H4     1 
HETATM 206 H H51    . ORP A 1 7  ? -5.312  0.703   -6.128  1.00 10.00 ? 7  ORP A H51    1 
HETATM 207 H H52    . ORP A 1 7  ? -3.725  0.707   -5.305  1.00 10.00 ? 7  ORP A H52    1 
ATOM   208 P P      . DA  A 1 8  ? -7.627  -1.281  -4.036  1.00 10.00 ? 8  DA  A P      1 
ATOM   209 O OP1    . DA  A 1 8  ? -8.754  -0.948  -4.931  1.00 10.00 ? 8  DA  A OP1    1 
ATOM   210 O OP2    . DA  A 1 8  ? -7.109  -0.161  -3.228  1.00 10.00 ? 8  DA  A OP2    1 
ATOM   211 O "O5'"  . DA  A 1 8  ? -8.117  -2.450  -3.103  1.00 10.00 ? 8  DA  A "O5'"  1 
ATOM   212 C "C5'"  . DA  A 1 8  ? -7.317  -3.469  -2.523  1.00 10.00 ? 8  DA  A "C5'"  1 
ATOM   213 C "C4'"  . DA  A 1 8  ? -6.803  -3.167  -1.108  1.00 10.00 ? 8  DA  A "C4'"  1 
ATOM   214 O "O4'"  . DA  A 1 8  ? -5.765  -2.131  -1.046  1.00 10.00 ? 8  DA  A "O4'"  1 
ATOM   215 C "C3'"  . DA  A 1 8  ? -7.955  -2.672  -0.239  1.00 10.00 ? 8  DA  A "C3'"  1 
ATOM   216 O "O3'"  . DA  A 1 8  ? -8.089  -3.619  0.794   1.00 10.00 ? 8  DA  A "O3'"  1 
ATOM   217 C "C2'"  . DA  A 1 8  ? -7.498  -1.263  0.165   1.00 10.00 ? 8  DA  A "C2'"  1 
ATOM   218 C "C1'"  . DA  A 1 8  ? -5.981  -1.398  0.154   1.00 10.00 ? 8  DA  A "C1'"  1 
ATOM   219 N N9     . DA  A 1 8  ? -5.242  -0.113  0.072   1.00 10.00 ? 8  DA  A N9     1 
ATOM   220 C C8     . DA  A 1 8  ? -5.402  0.850   -0.876  1.00 10.00 ? 8  DA  A C8     1 
ATOM   221 N N7     . DA  A 1 8  ? -4.534  1.829   -0.830  1.00 10.00 ? 8  DA  A N7     1 
ATOM   222 C C5     . DA  A 1 8  ? -3.736  1.494   0.244   1.00 10.00 ? 8  DA  A C5     1 
ATOM   223 C C6     . DA  A 1 8  ? -2.621  2.157   0.781   1.00 10.00 ? 8  DA  A C6     1 
ATOM   224 N N6     . DA  A 1 8  ? -2.133  3.229   0.136   1.00 10.00 ? 8  DA  A N6     1 
ATOM   225 N N1     . DA  A 1 8  ? -2.073  1.647   1.914   1.00 10.00 ? 8  DA  A N1     1 
ATOM   226 C C2     . DA  A 1 8  ? -2.584  0.515   2.417   1.00 10.00 ? 8  DA  A C2     1 
ATOM   227 N N3     . DA  A 1 8  ? -3.575  -0.250  1.931   1.00 10.00 ? 8  DA  A N3     1 
ATOM   228 C C4     . DA  A 1 8  ? -4.136  0.317   0.838   1.00 10.00 ? 8  DA  A C4     1 
ATOM   229 H "H5'"  . DA  A 1 8  ? -6.489  -3.778  -3.178  1.00 10.00 ? 8  DA  A "H5'"  1 
ATOM   230 H "H5''" . DA  A 1 8  ? -7.965  -4.370  -2.434  1.00 10.00 ? 8  DA  A "H5''" 1 
ATOM   231 H "H4'"  . DA  A 1 8  ? -6.334  -4.083  -0.686  1.00 10.00 ? 8  DA  A "H4'"  1 
ATOM   232 H "H3'"  . DA  A 1 8  ? -8.897  -2.628  -0.827  1.00 10.00 ? 8  DA  A "H3'"  1 
ATOM   233 H "H2'"  . DA  A 1 8  ? -7.828  -0.551  -0.624  1.00 10.00 ? 8  DA  A "H2'"  1 
ATOM   234 H "H2''" . DA  A 1 8  ? -7.893  -0.938  1.128   1.00 10.00 ? 8  DA  A "H2''" 1 
ATOM   235 H "H1'"  . DA  A 1 8  ? -5.644  -2.011  1.019   1.00 10.00 ? 8  DA  A "H1'"  1 
ATOM   236 H H8     . DA  A 1 8  ? -6.239  0.756   -1.552  1.00 10.00 ? 8  DA  A H8     1 
ATOM   237 H H61    . DA  A 1 8  ? -1.268  3.639   0.451   1.00 10.00 ? 8  DA  A H61    1 
ATOM   238 H H62    . DA  A 1 8  ? -2.504  3.465   -0.760  1.00 10.00 ? 8  DA  A H62    1 
ATOM   239 H H2     . DA  A 1 8  ? -2.132  0.166   3.350   1.00 10.00 ? 8  DA  A H2     1 
ATOM   240 P P      . DC  A 1 9  ? -9.231  -3.624  1.844   1.00 10.00 ? 9  DC  A P      1 
ATOM   241 O OP1    . DC  A 1 9  ? -9.536  -5.039  2.167   1.00 10.00 ? 9  DC  A OP1    1 
ATOM   242 O OP2    . DC  A 1 9  ? -10.347 -2.757  1.400   1.00 10.00 ? 9  DC  A OP2    1 
ATOM   243 O "O5'"  . DC  A 1 9  ? -8.484  -2.942  3.058   1.00 10.00 ? 9  DC  A "O5'"  1 
ATOM   244 C "C5'"  . DC  A 1 9  ? -7.454  -3.685  3.722   1.00 10.00 ? 9  DC  A "C5'"  1 
ATOM   245 C "C4'"  . DC  A 1 9  ? -6.800  -2.901  4.874   1.00 10.00 ? 9  DC  A "C4'"  1 
ATOM   246 O "O4'"  . DC  A 1 9  ? -6.158  -1.700  4.336   1.00 10.00 ? 9  DC  A "O4'"  1 
ATOM   247 C "C3'"  . DC  A 1 9  ? -7.787  -2.420  5.952   1.00 10.00 ? 9  DC  A "C3'"  1 
ATOM   248 O "O3'"  . DC  A 1 9  ? -7.183  -2.534  7.242   1.00 10.00 ? 9  DC  A "O3'"  1 
ATOM   249 C "C2'"  . DC  A 1 9  ? -8.057  -0.976  5.499   1.00 10.00 ? 9  DC  A "C2'"  1 
ATOM   250 C "C1'"  . DC  A 1 9  ? -6.689  -0.548  4.969   1.00 10.00 ? 9  DC  A "C1'"  1 
ATOM   251 N N1     . DC  A 1 9  ? -6.685  0.565   3.967   1.00 10.00 ? 9  DC  A N1     1 
ATOM   252 C C2     . DC  A 1 9  ? -5.572  1.445   3.980   1.00 10.00 ? 9  DC  A C2     1 
ATOM   253 O O2     . DC  A 1 9  ? -4.623  1.255   4.750   1.00 10.00 ? 9  DC  A O2     1 
ATOM   254 N N3     . DC  A 1 9  ? -5.522  2.491   3.089   1.00 10.00 ? 9  DC  A N3     1 
ATOM   255 C C4     . DC  A 1 9  ? -6.452  2.611   2.128   1.00 10.00 ? 9  DC  A C4     1 
ATOM   256 N N4     . DC  A 1 9  ? -6.342  3.621   1.236   1.00 10.00 ? 9  DC  A N4     1 
ATOM   257 C C5     . DC  A 1 9  ? -7.539  1.670   2.036   1.00 10.00 ? 9  DC  A C5     1 
ATOM   258 C C6     . DC  A 1 9  ? -7.623  0.699   2.961   1.00 10.00 ? 9  DC  A C6     1 
ATOM   259 H "H5'"  . DC  A 1 9  ? -6.648  -3.956  2.998   1.00 10.00 ? 9  DC  A "H5'"  1 
ATOM   260 H "H5''" . DC  A 1 9  ? -7.869  -4.633  4.137   1.00 10.00 ? 9  DC  A "H5''" 1 
ATOM   261 H "H4'"  . DC  A 1 9  ? -6.005  -3.528  5.335   1.00 10.00 ? 9  DC  A "H4'"  1 
ATOM   262 H "H3'"  . DC  A 1 9  ? -8.732  -3.003  5.915   1.00 10.00 ? 9  DC  A "H3'"  1 
ATOM   263 H "H2'"  . DC  A 1 9  ? -8.805  -0.990  4.678   1.00 10.00 ? 9  DC  A "H2'"  1 
ATOM   264 H "H2''" . DC  A 1 9  ? -8.423  -0.329  6.313   1.00 10.00 ? 9  DC  A "H2''" 1 
ATOM   265 H "H1'"  . DC  A 1 9  ? -6.028  -0.344  5.846   1.00 10.00 ? 9  DC  A "H1'"  1 
ATOM   266 H H41    . DC  A 1 9  ? -5.571  4.256   1.356   1.00 10.00 ? 9  DC  A H41    1 
ATOM   267 H H42    . DC  A 1 9  ? -6.977  3.722   0.476   1.00 10.00 ? 9  DC  A H42    1 
ATOM   268 H H5     . DC  A 1 9  ? -8.220  1.702   1.187   1.00 10.00 ? 9  DC  A H5     1 
ATOM   269 H H6     . DC  A 1 9  ? -8.380  -0.083  2.893   1.00 10.00 ? 9  DC  A H6     1 
ATOM   270 P P      . DT  A 1 10 ? -7.867  -2.026  8.577   1.00 10.00 ? 10 DT  A P      1 
ATOM   271 O OP1    . DT  A 1 10 ? -7.580  -2.994  9.657   1.00 10.00 ? 10 DT  A OP1    1 
ATOM   272 O OP2    . DT  A 1 10 ? -9.285  -1.681  8.317   1.00 10.00 ? 10 DT  A OP2    1 
ATOM   273 O "O5'"  . DT  A 1 10 ? -7.059  -0.692  8.867   1.00 10.00 ? 10 DT  A "O5'"  1 
ATOM   274 C "C5'"  . DT  A 1 10 ? -5.705  -0.788  9.327   1.00 10.00 ? 10 DT  A "C5'"  1 
ATOM   275 C "C4'"  . DT  A 1 10 ? -5.058  0.573   9.693   1.00 10.00 ? 10 DT  A "C4'"  1 
ATOM   276 O "O4'"  . DT  A 1 10 ? -5.029  1.450   8.517   1.00 10.00 ? 10 DT  A "O4'"  1 
ATOM   277 C "C3'"  . DT  A 1 10 ? -5.807  1.352   10.790  1.00 10.00 ? 10 DT  A "C3'"  1 
ATOM   278 O "O3'"  . DT  A 1 10 ? -4.881  2.077   11.607  1.00 10.00 ? 10 DT  A "O3'"  1 
ATOM   279 C "C2'"  . DT  A 1 10 ? -6.684  2.286   9.936   1.00 10.00 ? 10 DT  A "C2'"  1 
ATOM   280 C "C1'"  . DT  A 1 10 ? -5.714  2.652   8.811   1.00 10.00 ? 10 DT  A "C1'"  1 
ATOM   281 N N1     . DT  A 1 10 ? -6.343  3.148   7.552   1.00 10.00 ? 10 DT  A N1     1 
ATOM   282 C C2     . DT  A 1 10 ? -5.710  4.227   6.885   1.00 10.00 ? 10 DT  A C2     1 
ATOM   283 O O2     . DT  A 1 10 ? -4.659  4.762   7.239   1.00 10.00 ? 10 DT  A O2     1 
ATOM   284 N N3     . DT  A 1 10 ? -6.391  4.685   5.754   1.00 10.00 ? 10 DT  A N3     1 
ATOM   285 C C4     . DT  A 1 10 ? -7.579  4.195   5.213   1.00 10.00 ? 10 DT  A C4     1 
ATOM   286 O O4     . DT  A 1 10 ? -8.045  4.707   4.186   1.00 10.00 ? 10 DT  A O4     1 
ATOM   287 C C5     . DT  A 1 10 ? -8.146  3.063   5.933   1.00 10.00 ? 10 DT  A C5     1 
ATOM   288 C C7     . DT  A 1 10 ? -9.417  2.464   5.420   1.00 10.00 ? 10 DT  A C7     1 
ATOM   289 C C6     . DT  A 1 10 ? -7.517  2.601   7.038   1.00 10.00 ? 10 DT  A C6     1 
ATOM   290 H "H5'"  . DT  A 1 10 ? -5.077  -1.250  8.531   1.00 10.00 ? 10 DT  A "H5'"  1 
ATOM   291 H "H5''" . DT  A 1 10 ? -5.646  -1.443  10.228  1.00 10.00 ? 10 DT  A "H5''" 1 
ATOM   292 H "H4'"  . DT  A 1 10 ? -4.004  0.401   10.001  1.00 10.00 ? 10 DT  A "H4'"  1 
ATOM   293 H "H3'"  . DT  A 1 10 ? -6.400  0.646   11.418  1.00 10.00 ? 10 DT  A "H3'"  1 
ATOM   294 H "H2'"  . DT  A 1 10 ? -7.561  1.730   9.544   1.00 10.00 ? 10 DT  A "H2'"  1 
ATOM   295 H "H2''" . DT  A 1 10 ? -7.046  3.172   10.488  1.00 10.00 ? 10 DT  A "H2''" 1 
ATOM   296 H "H1'"  . DT  A 1 10 ? -4.946  3.355   9.211   1.00 10.00 ? 10 DT  A "H1'"  1 
ATOM   297 H H3     . DT  A 1 10 ? -5.983  5.506   5.301   1.00 10.00 ? 10 DT  A H3     1 
ATOM   298 H H71    . DT  A 1 10 ? -9.654  1.503   5.925   1.00 10.00 ? 10 DT  A H71    1 
ATOM   299 H H72    . DT  A 1 10 ? -10.268 3.161   5.591   1.00 10.00 ? 10 DT  A H72    1 
ATOM   300 H H73    . DT  A 1 10 ? -9.353  2.269   4.327   1.00 10.00 ? 10 DT  A H73    1 
ATOM   301 H H6     . DT  A 1 10 ? -7.899  1.738   7.579   1.00 10.00 ? 10 DT  A H6     1 
ATOM   302 P P      . DG  A 1 11 ? -5.369  2.959   12.830  1.00 10.00 ? 11 DG  A P      1 
ATOM   303 O OP1    . DG  A 1 11 ? -4.552  2.639   14.022  1.00 10.00 ? 11 DG  A OP1    1 
ATOM   304 O OP2    . DG  A 1 11 ? -6.840  2.859   12.983  1.00 10.00 ? 11 DG  A OP2    1 
ATOM   305 O "O5'"  . DG  A 1 11 ? -5.016  4.435   12.347  1.00 10.00 ? 11 DG  A "O5'"  1 
ATOM   306 C "C5'"  . DG  A 1 11 ? -3.644  4.850   12.492  1.00 10.00 ? 11 DG  A "C5'"  1 
ATOM   307 C "C4'"  . DG  A 1 11 ? -3.346  6.288   12.007  1.00 10.00 ? 11 DG  A "C4'"  1 
ATOM   308 O "O4'"  . DG  A 1 11 ? -3.660  6.414   10.582  1.00 10.00 ? 11 DG  A "O4'"  1 
ATOM   309 C "C3'"  . DG  A 1 11 ? -4.159  7.387   12.718  1.00 10.00 ? 11 DG  A "C3'"  1 
ATOM   310 O "O3'"  . DG  A 1 11 ? -3.379  8.572   12.831  1.00 10.00 ? 11 DG  A "O3'"  1 
ATOM   311 C "C2'"  . DG  A 1 11 ? -5.323  7.541   11.756  1.00 10.00 ? 11 DG  A "C2'"  1 
ATOM   312 C "C1'"  . DG  A 1 11 ? -4.609  7.458   10.422  1.00 10.00 ? 11 DG  A "C1'"  1 
ATOM   313 N N9     . DG  A 1 11 ? -5.575  7.094   9.385   1.00 10.00 ? 11 DG  A N9     1 
ATOM   314 C C8     . DG  A 1 11 ? -6.423  6.044   9.424   1.00 10.00 ? 11 DG  A C8     1 
ATOM   315 N N7     . DG  A 1 11 ? -7.450  6.124   8.601   1.00 10.00 ? 11 DG  A N7     1 
ATOM   316 C C5     . DG  A 1 11 ? -7.268  7.349   7.988   1.00 10.00 ? 11 DG  A C5     1 
ATOM   317 C C6     . DG  A 1 11 ? -8.058  8.000   7.023   1.00 10.00 ? 11 DG  A C6     1 
ATOM   318 O O6     . DG  A 1 11 ? -9.056  7.527   6.459   1.00 10.00 ? 11 DG  A O6     1 
ATOM   319 N N1     . DG  A 1 11 ? -7.516  9.266   6.687   1.00 10.00 ? 11 DG  A N1     1 
ATOM   320 C C2     . DG  A 1 11 ? -6.339  9.809   7.187   1.00 10.00 ? 11 DG  A C2     1 
ATOM   321 N N2     . DG  A 1 11 ? -5.945  10.962  6.637   1.00 10.00 ? 11 DG  A N2     1 
ATOM   322 N N3     . DG  A 1 11 ? -5.624  9.171   8.110   1.00 10.00 ? 11 DG  A N3     1 
ATOM   323 C C4     . DG  A 1 11 ? -6.113  7.968   8.461   1.00 10.00 ? 11 DG  A C4     1 
ATOM   324 H "H5'"  . DG  A 1 11 ? -2.978  4.162   11.917  1.00 10.00 ? 11 DG  A "H5'"  1 
ATOM   325 H "H5''" . DG  A 1 11 ? -3.340  4.793   13.564  1.00 10.00 ? 11 DG  A "H5''" 1 
ATOM   326 H "H4'"  . DG  A 1 11 ? -2.258  6.485   12.122  1.00 10.00 ? 11 DG  A "H4'"  1 
ATOM   327 H "H3'"  . DG  A 1 11 ? -4.537  7.073   13.710  1.00 10.00 ? 11 DG  A "H3'"  1 
ATOM   328 H "H2'"  . DG  A 1 11 ? -6.014  6.684   11.905  1.00 10.00 ? 11 DG  A "H2'"  1 
ATOM   329 H "H2''" . DG  A 1 11 ? -5.908  8.460   11.863  1.00 10.00 ? 11 DG  A "H2''" 1 
ATOM   330 H "H1'"  . DG  A 1 11 ? -4.052  8.396   10.196  1.00 10.00 ? 11 DG  A "H1'"  1 
ATOM   331 H H8     . DG  A 1 11 ? -6.213  5.312   10.205  1.00 10.00 ? 11 DG  A H8     1 
ATOM   332 H H1     . DG  A 1 11 ? -7.958  9.764   5.920   1.00 10.00 ? 11 DG  A H1     1 
ATOM   333 H H21    . DG  A 1 11 ? -6.523  11.472  5.981   1.00 10.00 ? 11 DG  A H21    1 
ATOM   334 H H22    . DG  A 1 11 ? -5.056  11.307  6.933   1.00 10.00 ? 11 DG  A H22    1 
ATOM   335 P P      . DG  A 1 12 ? -3.942  9.881   13.510  1.00 10.00 ? 12 DG  A P      1 
ATOM   336 O OP1    . DG  A 1 12 ? -2.833  10.542  14.235  1.00 10.00 ? 12 DG  A OP1    1 
ATOM   337 O OP2    . DG  A 1 12 ? -5.168  9.569   14.283  1.00 10.00 ? 12 DG  A OP2    1 
ATOM   338 O "O5'"  . DG  A 1 12 ? -4.341  10.758  12.261  1.00 10.00 ? 12 DG  A "O5'"  1 
ATOM   339 C "C5'"  . DG  A 1 12 ? -3.347  11.525  11.571  1.00 10.00 ? 12 DG  A "C5'"  1 
ATOM   340 C "C4'"  . DG  A 1 12 ? -3.945  12.661  10.714  1.00 10.00 ? 12 DG  A "C4'"  1 
ATOM   341 O "O4'"  . DG  A 1 12 ? -4.891  12.103  9.747   1.00 10.00 ? 12 DG  A "O4'"  1 
ATOM   342 C "C3'"  . DG  A 1 12 ? -4.737  13.696  11.538  1.00 10.00 ? 12 DG  A "C3'"  1 
ATOM   343 O "O3'"  . DG  A 1 12 ? -4.572  15.001  10.984  1.00 10.00 ? 12 DG  A "O3'"  1 
ATOM   344 C "C2'"  . DG  A 1 12 ? -6.155  13.126  11.422  1.00 10.00 ? 12 DG  A "C2'"  1 
ATOM   345 C "C1'"  . DG  A 1 12 ? -6.173  12.665  9.975   1.00 10.00 ? 12 DG  A "C1'"  1 
ATOM   346 N N9     . DG  A 1 12 ? -7.213  11.652  9.753   1.00 10.00 ? 12 DG  A N9     1 
ATOM   347 C C8     . DG  A 1 12 ? -7.460  10.526  10.478  1.00 10.00 ? 12 DG  A C8     1 
ATOM   348 N N7     . DG  A 1 12 ? -8.565  9.891   10.133  1.00 10.00 ? 12 DG  A N7     1 
ATOM   349 C C5     . DG  A 1 12 ? -9.083  10.658  9.102   1.00 10.00 ? 12 DG  A C5     1 
ATOM   350 C C6     . DG  A 1 12 ? -10.244 10.465  8.321   1.00 10.00 ? 12 DG  A C6     1 
ATOM   351 O O6     . DG  A 1 12 ? -11.006 9.491   8.367   1.00 10.00 ? 12 DG  A O6     1 
ATOM   352 N N1     . DG  A 1 12 ? -10.404 11.491  7.372   1.00 10.00 ? 12 DG  A N1     1 
ATOM   353 C C2     . DG  A 1 12 ? -9.538  12.554  7.165   1.00 10.00 ? 12 DG  A C2     1 
ATOM   354 N N2     . DG  A 1 12 ? -9.926  13.359  6.172   1.00 10.00 ? 12 DG  A N2     1 
ATOM   355 N N3     . DG  A 1 12 ? -8.439  12.718  7.906   1.00 10.00 ? 12 DG  A N3     1 
ATOM   356 C C4     . DG  A 1 12 ? -8.263  11.759  8.846   1.00 10.00 ? 12 DG  A C4     1 
ATOM   357 H "H5'"  . DG  A 1 12 ? -2.775  10.849  10.893  1.00 10.00 ? 12 DG  A "H5'"  1 
ATOM   358 H "H5''" . DG  A 1 12 ? -2.618  11.985  12.279  1.00 10.00 ? 12 DG  A "H5''" 1 
ATOM   359 H "H4'"  . DG  A 1 12 ? -3.134  13.161  10.143  1.00 10.00 ? 12 DG  A "H4'"  1 
ATOM   360 H "H3'"  . DG  A 1 12 ? -4.396  13.691  12.597  1.00 10.00 ? 12 DG  A "H3'"  1 
ATOM   361 H "H2'"  . DG  A 1 12 ? -6.245  12.266  12.120  1.00 10.00 ? 12 DG  A "H2'"  1 
ATOM   362 H "H2''" . DG  A 1 12 ? -6.979  13.818  11.641  1.00 10.00 ? 12 DG  A "H2''" 1 
ATOM   363 H "H1'"  . DG  A 1 12 ? -6.270  13.527  9.279   1.00 10.00 ? 12 DG  A "H1'"  1 
ATOM   364 H H8     . DG  A 1 12 ? -6.751  10.280  11.282  1.00 10.00 ? 12 DG  A H8     1 
ATOM   365 H H1     . DG  A 1 12 ? -11.123 11.335  6.674   1.00 10.00 ? 12 DG  A H1     1 
ATOM   366 H H21    . DG  A 1 12 ? -10.773 13.188  5.648   1.00 10.00 ? 12 DG  A H21    1 
ATOM   367 H H22    . DG  A 1 12 ? -9.362  14.158  5.992   1.00 10.00 ? 12 DG  A H22    1 
ATOM   368 P P      . DG  A 1 13 ? -5.529  16.227  11.231  1.00 10.00 ? 13 DG  A P      1 
ATOM   369 O OP1    . DG  A 1 13 ? -4.749  17.477  11.093  1.00 10.00 ? 13 DG  A OP1    1 
ATOM   370 O OP2    . DG  A 1 13 ? -6.289  16.045  12.490  1.00 10.00 ? 13 DG  A OP2    1 
ATOM   371 O "O5'"  . DG  A 1 13 ? -6.543  16.121  10.022  1.00 10.00 ? 13 DG  A "O5'"  1 
ATOM   372 C "C5'"  . DG  A 1 13 ? -6.171  16.507  8.696   1.00 10.00 ? 13 DG  A "C5'"  1 
ATOM   373 C "C4'"  . DG  A 1 13 ? -7.304  17.246  7.957   1.00 10.00 ? 13 DG  A "C4'"  1 
ATOM   374 O "O4'"  . DG  A 1 13 ? -8.410  16.323  7.685   1.00 10.00 ? 13 DG  A "O4'"  1 
ATOM   375 C "C3'"  . DG  A 1 13 ? -7.893  18.387  8.792   1.00 10.00 ? 13 DG  A "C3'"  1 
ATOM   376 O "O3'"  . DG  A 1 13 ? -8.303  19.495  7.998   1.00 10.00 ? 13 DG  A "O3'"  1 
ATOM   377 C "C2'"  . DG  A 1 13 ? -9.117  17.742  9.433   1.00 10.00 ? 13 DG  A "C2'"  1 
ATOM   378 C "C1'"  . DG  A 1 13 ? -9.586  16.752  8.364   1.00 10.00 ? 13 DG  A "C1'"  1 
ATOM   379 N N9     . DG  A 1 13 ? -10.247 15.563  8.937   1.00 10.00 ? 13 DG  A N9     1 
ATOM   380 C C8     . DG  A 1 13 ? -9.854  14.852  10.026  1.00 10.00 ? 13 DG  A C8     1 
ATOM   381 N N7     . DG  A 1 13 ? -10.645 13.849  10.339  1.00 10.00 ? 13 DG  A N7     1 
ATOM   382 C C5     . DG  A 1 13 ? -11.615 13.866  9.360   1.00 10.00 ? 13 DG  A C5     1 
ATOM   383 C C6     . DG  A 1 13 ? -12.697 12.985  9.161   1.00 10.00 ? 13 DG  A C6     1 
ATOM   384 O O6     . DG  A 1 13 ? -12.941 11.966  9.822   1.00 10.00 ? 13 DG  A O6     1 
ATOM   385 N N1     . DG  A 1 13 ? -13.461 13.355  8.035   1.00 10.00 ? 13 DG  A N1     1 
ATOM   386 C C2     . DG  A 1 13 ? -13.199 14.425  7.188   1.00 10.00 ? 13 DG  A C2     1 
ATOM   387 N N2     . DG  A 1 13 ? -14.097 14.564  6.206   1.00 10.00 ? 13 DG  A N2     1 
ATOM   388 N N3     . DG  A 1 13 ? -12.156 15.246  7.387   1.00 10.00 ? 13 DG  A N3     1 
ATOM   389 C C4     . DG  A 1 13 ? -11.408 14.927  8.477   1.00 10.00 ? 13 DG  A C4     1 
ATOM   390 H "H5'"  . DG  A 1 13 ? -5.917  15.591  8.114   1.00 10.00 ? 13 DG  A "H5'"  1 
ATOM   391 H "H5''" . DG  A 1 13 ? -5.270  17.168  8.689   1.00 10.00 ? 13 DG  A "H5''" 1 
ATOM   392 H "H4'"  . DG  A 1 13 ? -6.926  17.620  6.982   1.00 10.00 ? 13 DG  A "H4'"  1 
ATOM   393 H "H3'"  . DG  A 1 13 ? -7.169  18.735  9.562   1.00 10.00 ? 13 DG  A "H3'"  1 
ATOM   394 H "HO3'" . DG  A 1 13 ? -8.891  19.117  7.338   1.00 10.00 ? 13 DG  A "HO3'" 1 
ATOM   395 H "H2'"  . DG  A 1 13 ? -8.781  17.229  10.359  1.00 10.00 ? 13 DG  A "H2'"  1 
ATOM   396 H "H2''" . DG  A 1 13 ? -9.908  18.457  9.708   1.00 10.00 ? 13 DG  A "H2''" 1 
ATOM   397 H "H1'"  . DG  A 1 13 ? -10.231 17.254  7.611   1.00 10.00 ? 13 DG  A "H1'"  1 
ATOM   398 H H8     . DG  A 1 13 ? -8.917  15.142  10.505  1.00 10.00 ? 13 DG  A H8     1 
ATOM   399 H H1     . DG  A 1 13 ? -14.125 12.654  7.727   1.00 10.00 ? 13 DG  A H1     1 
ATOM   400 H H21    . DG  A 1 13 ? -14.722 13.796  6.004   1.00 10.00 ? 13 DG  A H21    1 
ATOM   401 H H22    . DG  A 1 13 ? -13.925 15.271  5.530   1.00 10.00 ? 13 DG  A H22    1 
ATOM   402 O "O5'"  . DC  B 2 1  ? -18.648 7.315   4.235   1.00 10.00 ? 14 DC  B "O5'"  1 
ATOM   403 C "C5'"  . DC  B 2 1  ? -19.598 8.208   3.662   1.00 10.00 ? 14 DC  B "C5'"  1 
ATOM   404 C "C4'"  . DC  B 2 1  ? -18.973 9.585   3.389   1.00 10.00 ? 14 DC  B "C4'"  1 
ATOM   405 O "O4'"  . DC  B 2 1  ? -18.263 10.048  4.588   1.00 10.00 ? 14 DC  B "O4'"  1 
ATOM   406 C "C3'"  . DC  B 2 1  ? -17.933 9.524   2.261   1.00 10.00 ? 14 DC  B "C3'"  1 
ATOM   407 O "O3'"  . DC  B 2 1  ? -18.129 10.620  1.369   1.00 10.00 ? 14 DC  B "O3'"  1 
ATOM   408 C "C2'"  . DC  B 2 1  ? -16.599 9.566   3.015   1.00 10.00 ? 14 DC  B "C2'"  1 
ATOM   409 C "C1'"  . DC  B 2 1  ? -16.922 10.387  4.257   1.00 10.00 ? 14 DC  B "C1'"  1 
ATOM   410 N N1     . DC  B 2 1  ? -16.055 10.077  5.436   1.00 10.00 ? 14 DC  B N1     1 
ATOM   411 C C2     . DC  B 2 1  ? -15.435 11.162  6.120   1.00 10.00 ? 14 DC  B C2     1 
ATOM   412 O O2     . DC  B 2 1  ? -15.506 12.325  5.697   1.00 10.00 ? 14 DC  B O2     1 
ATOM   413 N N3     . DC  B 2 1  ? -14.766 10.909  7.292   1.00 10.00 ? 14 DC  B N3     1 
ATOM   414 C C4     . DC  B 2 1  ? -14.688 9.668   7.801   1.00 10.00 ? 14 DC  B C4     1 
ATOM   415 N N4     . DC  B 2 1  ? -14.005 9.461   8.948   1.00 10.00 ? 14 DC  B N4     1 
ATOM   416 C C5     . DC  B 2 1  ? -15.321 8.563   7.133   1.00 10.00 ? 14 DC  B C5     1 
ATOM   417 C C6     . DC  B 2 1  ? -15.958 8.803   5.976   1.00 10.00 ? 14 DC  B C6     1 
ATOM   418 H "H5'"  . DC  B 2 1  ? -20.439 8.325   4.383   1.00 10.00 ? 14 DC  B "H5'"  1 
ATOM   419 H "H5''" . DC  B 2 1  ? -19.999 7.773   2.720   1.00 10.00 ? 14 DC  B "H5''" 1 
ATOM   420 H "H4'"  . DC  B 2 1  ? -19.769 10.323  3.151   1.00 10.00 ? 14 DC  B "H4'"  1 
ATOM   421 H "H3'"  . DC  B 2 1  ? -18.033 8.559   1.714   1.00 10.00 ? 14 DC  B "H3'"  1 
ATOM   422 H "H2'"  . DC  B 2 1  ? -16.301 8.531   3.279   1.00 10.00 ? 14 DC  B "H2'"  1 
ATOM   423 H "H2''" . DC  B 2 1  ? -15.784 10.033  2.434   1.00 10.00 ? 14 DC  B "H2''" 1 
ATOM   424 H "H1'"  . DC  B 2 1  ? -16.931 11.468  3.983   1.00 10.00 ? 14 DC  B "H1'"  1 
ATOM   425 H H41    . DC  B 2 1  ? -13.566 10.268  9.366   1.00 10.00 ? 14 DC  B H41    1 
ATOM   426 H H42    . DC  B 2 1  ? -13.801 8.549   9.298   1.00 10.00 ? 14 DC  B H42    1 
ATOM   427 H H5     . DC  B 2 1  ? -15.318 7.573   7.587   1.00 10.00 ? 14 DC  B H5     1 
ATOM   428 H H6     . DC  B 2 1  ? -16.452 8.007   5.423   1.00 10.00 ? 14 DC  B H6     1 
ATOM   429 H "HO5'" . DC  B 2 1  ? -18.079 7.924   4.724   1.00 10.00 ? 14 DC  B "HO5'" 1 
ATOM   430 P P      . DC  B 2 2  ? -17.249 10.717  0.052   1.00 10.00 ? 15 DC  B P      1 
ATOM   431 O OP1    . DC  B 2 2  ? -17.996 11.512  -0.942  1.00 10.00 ? 15 DC  B OP1    1 
ATOM   432 O OP2    . DC  B 2 2  ? -16.813 9.357   -0.338  1.00 10.00 ? 15 DC  B OP2    1 
ATOM   433 O "O5'"  . DC  B 2 2  ? -15.985 11.539  0.496   1.00 10.00 ? 15 DC  B "O5'"  1 
ATOM   434 C "C5'"  . DC  B 2 2  ? -16.094 12.952  0.666   1.00 10.00 ? 15 DC  B "C5'"  1 
ATOM   435 C "C4'"  . DC  B 2 2  ? -14.746 13.580  1.048   1.00 10.00 ? 15 DC  B "C4'"  1 
ATOM   436 O "O4'"  . DC  B 2 2  ? -14.276 13.020  2.319   1.00 10.00 ? 15 DC  B "O4'"  1 
ATOM   437 C "C3'"  . DC  B 2 2  ? -13.657 13.284  0.009   1.00 10.00 ? 15 DC  B "C3'"  1 
ATOM   438 O "O3'"  . DC  B 2 2  ? -12.871 14.453  -0.196  1.00 10.00 ? 15 DC  B "O3'"  1 
ATOM   439 C "C2'"  . DC  B 2 2  ? -12.889 12.120  0.662   1.00 10.00 ? 15 DC  B "C2'"  1 
ATOM   440 C "C1'"  . DC  B 2 2  ? -12.982 12.474  2.145   1.00 10.00 ? 15 DC  B "C1'"  1 
ATOM   441 N N1     . DC  B 2 2  ? -12.843 11.349  3.117   1.00 10.00 ? 15 DC  B N1     1 
ATOM   442 C C2     . DC  B 2 2  ? -12.352 11.682  4.407   1.00 10.00 ? 15 DC  B C2     1 
ATOM   443 O O2     . DC  B 2 2  ? -12.108 12.851  4.731   1.00 10.00 ? 15 DC  B O2     1 
ATOM   444 N N3     . DC  B 2 2  ? -12.138 10.677  5.312   1.00 10.00 ? 15 DC  B N3     1 
ATOM   445 C C4     . DC  B 2 2  ? -12.415 9.402   5.024   1.00 10.00 ? 15 DC  B C4     1 
ATOM   446 N N4     . DC  B 2 2  ? -12.111 8.456   5.942   1.00 10.00 ? 15 DC  B N4     1 
ATOM   447 C C5     . DC  B 2 2  ? -13.002 9.053   3.757   1.00 10.00 ? 15 DC  B C5     1 
ATOM   448 C C6     . DC  B 2 2  ? -13.196 10.032  2.855   1.00 10.00 ? 15 DC  B C6     1 
ATOM   449 H "H5'"  . DC  B 2 2  ? -16.829 13.186  1.471   1.00 10.00 ? 15 DC  B "H5'"  1 
ATOM   450 H "H5''" . DC  B 2 2  ? -16.444 13.432  -0.278  1.00 10.00 ? 15 DC  B "H5''" 1 
ATOM   451 H "H4'"  . DC  B 2 2  ? -14.874 14.675  1.188   1.00 10.00 ? 15 DC  B "H4'"  1 
ATOM   452 H "H3'"  . DC  B 2 2  ? -14.119 12.958  -0.951  1.00 10.00 ? 15 DC  B "H3'"  1 
ATOM   453 H "H2'"  . DC  B 2 2  ? -13.434 11.183  0.432   1.00 10.00 ? 15 DC  B "H2'"  1 
ATOM   454 H "H2''" . DC  B 2 2  ? -11.845 12.022  0.315   1.00 10.00 ? 15 DC  B "H2''" 1 
ATOM   455 H "H1'"  . DC  B 2 2  ? -12.261 13.300  2.352   1.00 10.00 ? 15 DC  B "H1'"  1 
ATOM   456 H H41    . DC  B 2 2  ? -11.625 8.782   6.768   1.00 10.00 ? 15 DC  B H41    1 
ATOM   457 H H42    . DC  B 2 2  ? -12.181 7.475   5.763   1.00 10.00 ? 15 DC  B H42    1 
ATOM   458 H H5     . DC  B 2 2  ? -13.283 8.020   3.560   1.00 10.00 ? 15 DC  B H5     1 
ATOM   459 H H6     . DC  B 2 2  ? -13.691 9.828   1.906   1.00 10.00 ? 15 DC  B H6     1 
ATOM   460 P P      . DC  B 2 3  ? -11.610 14.449  -1.147  1.00 10.00 ? 16 DC  B P      1 
ATOM   461 O OP1    . DC  B 2 3  ? -11.553 15.756  -1.831  1.00 10.00 ? 16 DC  B OP1    1 
ATOM   462 O OP2    . DC  B 2 3  ? -11.584 13.230  -1.990  1.00 10.00 ? 16 DC  B OP2    1 
ATOM   463 O "O5'"  . DC  B 2 3  ? -10.418 14.380  -0.104  1.00 10.00 ? 16 DC  B "O5'"  1 
ATOM   464 C "C5'"  . DC  B 2 3  ? -10.087 15.578  0.614   1.00 10.00 ? 16 DC  B "C5'"  1 
ATOM   465 C "C4'"  . DC  B 2 3  ? -8.828  15.451  1.505   1.00 10.00 ? 16 DC  B "C4'"  1 
ATOM   466 O "O4'"  . DC  B 2 3  ? -9.019  14.410  2.520   1.00 10.00 ? 16 DC  B "O4'"  1 
ATOM   467 C "C3'"  . DC  B 2 3  ? -7.563  15.061  0.723   1.00 10.00 ? 16 DC  B "C3'"  1 
ATOM   468 O "O3'"  . DC  B 2 3  ? -6.419  15.712  1.280   1.00 10.00 ? 16 DC  B "O3'"  1 
ATOM   469 C "C2'"  . DC  B 2 3  ? -7.557  13.539  0.919   1.00 10.00 ? 16 DC  B "C2'"  1 
ATOM   470 C "C1'"  . DC  B 2 3  ? -8.006  13.427  2.375   1.00 10.00 ? 16 DC  B "C1'"  1 
ATOM   471 N N1     . DC  B 2 3  ? -8.568  12.100  2.765   1.00 10.00 ? 16 DC  B N1     1 
ATOM   472 C C2     . DC  B 2 3  ? -8.191  11.562  4.026   1.00 10.00 ? 16 DC  B C2     1 
ATOM   473 O O2     . DC  B 2 3  ? -7.460  12.190  4.804   1.00 10.00 ? 16 DC  B O2     1 
ATOM   474 N N3     . DC  B 2 3  ? -8.641  10.307  4.366   1.00 10.00 ? 16 DC  B N3     1 
ATOM   475 C C4     . DC  B 2 3  ? -9.351  9.562   3.507   1.00 10.00 ? 16 DC  B C4     1 
ATOM   476 N N4     . DC  B 2 3  ? -9.641  8.282   3.835   1.00 10.00 ? 16 DC  B N4     1 
ATOM   477 C C5     . DC  B 2 3  ? -9.776  10.106  2.246   1.00 10.00 ? 16 DC  B C5     1 
ATOM   478 C C6     . DC  B 2 3  ? -9.385  11.353  1.931   1.00 10.00 ? 16 DC  B C6     1 
ATOM   479 H "H5'"  . DC  B 2 3  ? -10.937 15.867  1.273   1.00 10.00 ? 16 DC  B "H5'"  1 
ATOM   480 H "H5''" . DC  B 2 3  ? -9.906  16.418  -0.098  1.00 10.00 ? 16 DC  B "H5''" 1 
ATOM   481 H "H4'"  . DC  B 2 3  ? -8.669  16.408  2.045   1.00 10.00 ? 16 DC  B "H4'"  1 
ATOM   482 H "H3'"  . DC  B 2 3  ? -7.674  15.324  -0.353  1.00 10.00 ? 16 DC  B "H3'"  1 
ATOM   483 H "H2'"  . DC  B 2 3  ? -8.301  13.090  0.229   1.00 10.00 ? 16 DC  B "H2'"  1 
ATOM   484 H "H2''" . DC  B 2 3  ? -6.578  13.071  0.733   1.00 10.00 ? 16 DC  B "H2''" 1 
ATOM   485 H "H1'"  . DC  B 2 3  ? -7.165  13.748  3.033   1.00 10.00 ? 16 DC  B "H1'"  1 
ATOM   486 H H41    . DC  B 2 3  ? -9.323  7.960   4.742   1.00 10.00 ? 16 DC  B H41    1 
ATOM   487 H H42    . DC  B 2 3  ? -10.083 7.662   3.194   1.00 10.00 ? 16 DC  B H42    1 
ATOM   488 H H5     . DC  B 2 3  ? -10.408 9.516   1.585   1.00 10.00 ? 16 DC  B H5     1 
ATOM   489 H H6     . DC  B 2 3  ? -9.714  11.842  1.014   1.00 10.00 ? 16 DC  B H6     1 
ATOM   490 P P      . DA  B 2 4  ? -4.944  15.394  0.803   1.00 10.00 ? 17 DA  B P      1 
ATOM   491 O OP1    . DA  B 2 4  ? -4.147  16.642  0.789   1.00 10.00 ? 17 DA  B OP1    1 
ATOM   492 O OP2    . DA  B 2 4  ? -4.971  14.616  -0.458  1.00 10.00 ? 17 DA  B OP2    1 
ATOM   493 O "O5'"  . DA  B 2 4  ? -4.433  14.438  1.969   1.00 10.00 ? 17 DA  B "O5'"  1 
ATOM   494 C "C5'"  . DA  B 2 4  ? -4.046  15.008  3.228   1.00 10.00 ? 17 DA  B "C5'"  1 
ATOM   495 C "C4'"  . DA  B 2 4  ? -3.212  14.054  4.123   1.00 10.00 ? 17 DA  B "C4'"  1 
ATOM   496 O "O4'"  . DA  B 2 4  ? -3.977  12.840  4.428   1.00 10.00 ? 17 DA  B "O4'"  1 
ATOM   497 C "C3'"  . DA  B 2 4  ? -1.893  13.591  3.471   1.00 10.00 ? 17 DA  B "C3'"  1 
ATOM   498 O "O3'"  . DA  B 2 4  ? -0.845  13.588  4.435   1.00 10.00 ? 17 DA  B "O3'"  1 
ATOM   499 C "C2'"  . DA  B 2 4  ? -2.294  12.207  2.940   1.00 10.00 ? 17 DA  B "C2'"  1 
ATOM   500 C "C1'"  . DA  B 2 4  ? -3.231  11.700  4.031   1.00 10.00 ? 17 DA  B "C1'"  1 
ATOM   501 N N9     . DA  B 2 4  ? -4.185  10.687  3.534   1.00 10.00 ? 17 DA  B N9     1 
ATOM   502 C C8     . DA  B 2 4  ? -4.971  10.771  2.425   1.00 10.00 ? 17 DA  B C8     1 
ATOM   503 N N7     . DA  B 2 4  ? -5.757  9.737   2.212   1.00 10.00 ? 17 DA  B N7     1 
ATOM   504 C C5     . DA  B 2 4  ? -5.439  8.894   3.266   1.00 10.00 ? 17 DA  B C5     1 
ATOM   505 C C6     . DA  B 2 4  ? -5.940  7.624   3.601   1.00 10.00 ? 17 DA  B C6     1 
ATOM   506 N N6     . DA  B 2 4  ? -6.936  7.053   2.878   1.00 10.00 ? 17 DA  B N6     1 
ATOM   507 N N1     . DA  B 2 4  ? -5.402  7.032   4.701   1.00 10.00 ? 17 DA  B N1     1 
ATOM   508 C C2     . DA  B 2 4  ? -4.464  7.674   5.423   1.00 10.00 ? 17 DA  B C2     1 
ATOM   509 N N3     . DA  B 2 4  ? -3.948  8.878   5.211   1.00 10.00 ? 17 DA  B N3     1 
ATOM   510 C C4     . DA  B 2 4  ? -4.475  9.441   4.097   1.00 10.00 ? 17 DA  B C4     1 
ATOM   511 H "H5'"  . DA  B 2 4  ? -4.961  15.289  3.798   1.00 10.00 ? 17 DA  B "H5'"  1 
ATOM   512 H "H5''" . DA  B 2 4  ? -3.443  15.935  3.079   1.00 10.00 ? 17 DA  B "H5''" 1 
ATOM   513 H "H4'"  . DA  B 2 4  ? -3.003  14.553  5.093   1.00 10.00 ? 17 DA  B "H4'"  1 
ATOM   514 H "H3'"  . DA  B 2 4  ? -1.621  14.269  2.631   1.00 10.00 ? 17 DA  B "H3'"  1 
ATOM   515 H "H2'"  . DA  B 2 4  ? -2.841  12.361  1.984   1.00 10.00 ? 17 DA  B "H2'"  1 
ATOM   516 H "H2''" . DA  B 2 4  ? -1.456  11.516  2.752   1.00 10.00 ? 17 DA  B "H2''" 1 
ATOM   517 H "H1'"  . DA  B 2 4  ? -2.660  11.349  4.920   1.00 10.00 ? 17 DA  B "H1'"  1 
ATOM   518 H H8     . DA  B 2 4  ? -4.854  11.657  1.801   1.00 10.00 ? 17 DA  B H8     1 
ATOM   519 H H61    . DA  B 2 4  ? -7.323  6.189   3.227   1.00 10.00 ? 17 DA  B H61    1 
ATOM   520 H H62    . DA  B 2 4  ? -7.293  7.523   2.072   1.00 10.00 ? 17 DA  B H62    1 
ATOM   521 H H2     . DA  B 2 4  ? -4.076  7.155   6.305   1.00 10.00 ? 17 DA  B H2     1 
ATOM   522 P P      . DG  B 2 5  ? 0.525   12.805  4.340   1.00 10.00 ? 18 DG  B P      1 
ATOM   523 O OP1    . DG  B 2 5  ? 1.520   13.485  5.197   1.00 10.00 ? 18 DG  B OP1    1 
ATOM   524 O OP2    . DG  B 2 5  ? 0.892   12.575  2.923   1.00 10.00 ? 18 DG  B OP2    1 
ATOM   525 O "O5'"  . DG  B 2 5  ? 0.148   11.393  4.975   1.00 10.00 ? 18 DG  B "O5'"  1 
ATOM   526 C "C5'"  . DG  B 2 5  ? -0.039  11.277  6.393   1.00 10.00 ? 18 DG  B "C5'"  1 
ATOM   527 C "C4'"  . DG  B 2 5  ? 0.290   9.870   6.940   1.00 10.00 ? 18 DG  B "C4'"  1 
ATOM   528 O "O4'"  . DG  B 2 5  ? -0.711  8.890   6.486   1.00 10.00 ? 18 DG  B "O4'"  1 
ATOM   529 C "C3'"  . DG  B 2 5  ? 1.668   9.381   6.471   1.00 10.00 ? 18 DG  B "C3'"  1 
ATOM   530 O "O3'"  . DG  B 2 5  ? 2.433   8.914   7.579   1.00 10.00 ? 18 DG  B "O3'"  1 
ATOM   531 C "C2'"  . DG  B 2 5  ? 1.290   8.319   5.421   1.00 10.00 ? 18 DG  B "C2'"  1 
ATOM   532 C "C1'"  . DG  B 2 5  ? -0.079  7.786   5.853   1.00 10.00 ? 18 DG  B "C1'"  1 
ATOM   533 N N9     . DG  B 2 5  ? -0.933  7.393   4.696   1.00 10.00 ? 18 DG  B N9     1 
ATOM   534 C C8     . DG  B 2 5  ? -1.192  8.164   3.614   1.00 10.00 ? 18 DG  B C8     1 
ATOM   535 N N7     . DG  B 2 5  ? -2.028  7.642   2.736   1.00 10.00 ? 18 DG  B N7     1 
ATOM   536 C C5     . DG  B 2 5  ? -2.378  6.428   3.295   1.00 10.00 ? 18 DG  B C5     1 
ATOM   537 C C6     . DG  B 2 5  ? -3.287  5.447   2.826   1.00 10.00 ? 18 DG  B C6     1 
ATOM   538 O O6     . DG  B 2 5  ? -3.990  5.530   1.808   1.00 10.00 ? 18 DG  B O6     1 
ATOM   539 N N1     . DG  B 2 5  ? -3.343  4.333   3.685   1.00 10.00 ? 18 DG  B N1     1 
ATOM   540 C C2     . DG  B 2 5  ? -2.624  4.192   4.868   1.00 10.00 ? 18 DG  B C2     1 
ATOM   541 N N2     . DG  B 2 5  ? -2.788  3.016   5.475   1.00 10.00 ? 18 DG  B N2     1 
ATOM   542 N N3     . DG  B 2 5  ? -1.808  5.155   5.325   1.00 10.00 ? 18 DG  B N3     1 
ATOM   543 C C4     . DG  B 2 5  ? -1.709  6.232   4.508   1.00 10.00 ? 18 DG  B C4     1 
ATOM   544 H "H5'"  . DG  B 2 5  ? -1.098  11.508  6.646   1.00 10.00 ? 18 DG  B "H5'"  1 
ATOM   545 H "H5''" . DG  B 2 5  ? 0.602   11.998  6.952   1.00 10.00 ? 18 DG  B "H5''" 1 
ATOM   546 H "H4'"  . DG  B 2 5  ? 0.241   9.892   8.050   1.00 10.00 ? 18 DG  B "H4'"  1 
ATOM   547 H "H3'"  . DG  B 2 5  ? 2.216   10.215  5.974   1.00 10.00 ? 18 DG  B "H3'"  1 
ATOM   548 H "H2'"  . DG  B 2 5  ? 1.219   8.848   4.447   1.00 10.00 ? 18 DG  B "H2'"  1 
ATOM   549 H "H2''" . DG  B 2 5  ? 2.018   7.510   5.305   1.00 10.00 ? 18 DG  B "H2''" 1 
ATOM   550 H "H1'"  . DG  B 2 5  ? 0.021   6.975   6.609   1.00 10.00 ? 18 DG  B "H1'"  1 
ATOM   551 H H8     . DG  B 2 5  ? -0.692  9.135   3.602   1.00 10.00 ? 18 DG  B H8     1 
ATOM   552 H H1     . DG  B 2 5  ? -4.031  3.621   3.448   1.00 10.00 ? 18 DG  B H1     1 
ATOM   553 H H21    . DG  B 2 5  ? -3.458  2.328   5.158   1.00 10.00 ? 18 DG  B H21    1 
ATOM   554 H H22    . DG  B 2 5  ? -2.220  2.847   6.274   1.00 10.00 ? 18 DG  B H22    1 
ATOM   555 P P      . DT  B 2 6  ? 3.877   8.298   7.462   1.00 10.00 ? 19 DT  B P      1 
ATOM   556 O OP1    . DT  B 2 6  ? 4.583   8.500   8.750   1.00 10.00 ? 19 DT  B OP1    1 
ATOM   557 O OP2    . DT  B 2 6  ? 4.547   8.783   6.231   1.00 10.00 ? 19 DT  B OP2    1 
ATOM   558 O "O5'"  . DT  B 2 6  ? 3.513   6.751   7.285   1.00 10.00 ? 19 DT  B "O5'"  1 
ATOM   559 C "C5'"  . DT  B 2 6  ? 3.013   6.055   8.439   1.00 10.00 ? 19 DT  B "C5'"  1 
ATOM   560 C "C4'"  . DT  B 2 6  ? 2.654   4.573   8.179   1.00 10.00 ? 19 DT  B "C4'"  1 
ATOM   561 O "O4'"  . DT  B 2 6  ? 1.649   4.499   7.117   1.00 10.00 ? 19 DT  B "O4'"  1 
ATOM   562 C "C3'"  . DT  B 2 6  ? 3.822   3.666   7.743   1.00 10.00 ? 19 DT  B "C3'"  1 
ATOM   563 O "O3'"  . DT  B 2 6  ? 3.807   2.468   8.522   1.00 10.00 ? 19 DT  B "O3'"  1 
ATOM   564 C "C2'"  . DT  B 2 6  ? 3.534   3.482   6.241   1.00 10.00 ? 19 DT  B "C2'"  1 
ATOM   565 C "C1'"  . DT  B 2 6  ? 2.010   3.478   6.206   1.00 10.00 ? 19 DT  B "C1'"  1 
ATOM   566 N N1     . DT  B 2 6  ? 1.443   3.799   4.869   1.00 10.00 ? 19 DT  B N1     1 
ATOM   567 C C2     . DT  B 2 6  ? 0.489   2.911   4.305   1.00 10.00 ? 19 DT  B C2     1 
ATOM   568 O O2     . DT  B 2 6  ? 0.012   1.932   4.873   1.00 10.00 ? 19 DT  B O2     1 
ATOM   569 N N3     . DT  B 2 6  ? 0.069   3.252   3.019   1.00 10.00 ? 19 DT  B N3     1 
ATOM   570 C C4     . DT  B 2 6  ? 0.493   4.346   2.257   1.00 10.00 ? 19 DT  B C4     1 
ATOM   571 O O4     . DT  B 2 6  ? 0.107   4.470   1.094   1.00 10.00 ? 19 DT  B O4     1 
ATOM   572 C C5     . DT  B 2 6  ? 1.415   5.244   2.930   1.00 10.00 ? 19 DT  B C5     1 
ATOM   573 C C7     . DT  B 2 6  ? 1.864   6.470   2.197   1.00 10.00 ? 19 DT  B C7     1 
ATOM   574 C C6     . DT  B 2 6  ? 1.838   4.936   4.173   1.00 10.00 ? 19 DT  B C6     1 
ATOM   575 H "H5'"  . DT  B 2 6  ? 2.089   6.556   8.815   1.00 10.00 ? 19 DT  B "H5'"  1 
ATOM   576 H "H5''" . DT  B 2 6  ? 3.772   6.078   9.257   1.00 10.00 ? 19 DT  B "H5''" 1 
ATOM   577 H "H4'"  . DT  B 2 6  ? 2.171   4.154   9.088   1.00 10.00 ? 19 DT  B "H4'"  1 
ATOM   578 H "H3'"  . DT  B 2 6  ? 4.791   4.194   7.891   1.00 10.00 ? 19 DT  B "H3'"  1 
ATOM   579 H "H2'"  . DT  B 2 6  ? 3.940   4.365   5.704   1.00 10.00 ? 19 DT  B "H2'"  1 
ATOM   580 H "H2''" . DT  B 2 6  ? 3.964   2.574   5.786   1.00 10.00 ? 19 DT  B "H2''" 1 
ATOM   581 H "H1'"  . DT  B 2 6  ? 1.616   2.525   6.629   1.00 10.00 ? 19 DT  B "H1'"  1 
ATOM   582 H H3     . DT  B 2 6  ? -0.620  2.621   2.610   1.00 10.00 ? 19 DT  B H3     1 
ATOM   583 H H71    . DT  B 2 6  ? 2.483   6.197   1.313   1.00 10.00 ? 19 DT  B H71    1 
ATOM   584 H H72    . DT  B 2 6  ? 0.986   7.052   1.839   1.00 10.00 ? 19 DT  B H72    1 
ATOM   585 H H73    . DT  B 2 6  ? 2.474   7.136   2.847   1.00 10.00 ? 19 DT  B H73    1 
ATOM   586 H H6     . DT  B 2 6  ? 2.519   5.589   4.721   1.00 10.00 ? 19 DT  B H6     1 
ATOM   587 P P      . DA  B 2 7  ? 4.462   1.082   8.123   1.00 10.00 ? 20 DA  B P      1 
ATOM   588 O OP1    . DA  B 2 7  ? 4.839   0.344   9.348   1.00 10.00 ? 20 DA  B OP1    1 
ATOM   589 O OP2    . DA  B 2 7  ? 5.516   1.287   7.104   1.00 10.00 ? 20 DA  B OP2    1 
ATOM   590 O "O5'"  . DA  B 2 7  ? 3.259   0.324   7.425   1.00 10.00 ? 20 DA  B "O5'"  1 
ATOM   591 C "C5'"  . DA  B 2 7  ? 2.152   -0.071  8.245   1.00 10.00 ? 20 DA  B "C5'"  1 
ATOM   592 C "C4'"  . DA  B 2 7  ? 1.260   -1.125  7.570   1.00 10.00 ? 20 DA  B "C4'"  1 
ATOM   593 O "O4'"  . DA  B 2 7  ? 0.732   -0.606  6.311   1.00 10.00 ? 20 DA  B "O4'"  1 
ATOM   594 C "C3'"  . DA  B 2 7  ? 1.988   -2.434  7.244   1.00 10.00 ? 20 DA  B "C3'"  1 
ATOM   595 O "O3'"  . DA  B 2 7  ? 1.247   -3.500  7.813   1.00 10.00 ? 20 DA  B "O3'"  1 
ATOM   596 C "C2'"  . DA  B 2 7  ? 2.046   -2.424  5.715   1.00 10.00 ? 20 DA  B "C2'"  1 
ATOM   597 C "C1'"  . DA  B 2 7  ? 0.875   -1.567  5.284   1.00 10.00 ? 20 DA  B "C1'"  1 
ATOM   598 N N9     . DA  B 2 7  ? 1.171   -0.847  4.030   1.00 10.00 ? 20 DA  B N9     1 
ATOM   599 C C8     . DA  B 2 7  ? 2.154   0.059   3.844   1.00 10.00 ? 20 DA  B C8     1 
ATOM   600 N N7     . DA  B 2 7  ? 2.201   0.588   2.633   1.00 10.00 ? 20 DA  B N7     1 
ATOM   601 C C5     . DA  B 2 7  ? 1.173   -0.056  1.969   1.00 10.00 ? 20 DA  B C5     1 
ATOM   602 C C6     . DA  B 2 7  ? 0.701   0.047   0.640   1.00 10.00 ? 20 DA  B C6     1 
ATOM   603 N N6     . DA  B 2 7  ? 1.138   0.950   -0.256  1.00 10.00 ? 20 DA  B N6     1 
ATOM   604 N N1     . DA  B 2 7  ? -0.266  -0.811  0.271   1.00 10.00 ? 20 DA  B N1     1 
ATOM   605 C C2     . DA  B 2 7  ? -0.769  -1.661  1.163   1.00 10.00 ? 20 DA  B C2     1 
ATOM   606 N N3     . DA  B 2 7  ? -0.470  -1.790  2.455   1.00 10.00 ? 20 DA  B N3     1 
ATOM   607 C C4     . DA  B 2 7  ? 0.539   -0.965  2.795   1.00 10.00 ? 20 DA  B C4     1 
ATOM   608 H "H5'"  . DA  B 2 7  ? 1.522   0.822   8.466   1.00 10.00 ? 20 DA  B "H5'"  1 
ATOM   609 H "H5''" . DA  B 2 7  ? 2.492   -0.500  9.218   1.00 10.00 ? 20 DA  B "H5''" 1 
ATOM   610 H "H4'"  . DA  B 2 7  ? 0.381   -1.323  8.222   1.00 10.00 ? 20 DA  B "H4'"  1 
ATOM   611 H "H3'"  . DA  B 2 7  ? 3.026   -2.448  7.635   1.00 10.00 ? 20 DA  B "H3'"  1 
ATOM   612 H "H2'"  . DA  B 2 7  ? 3.029   -2.025  5.386   1.00 10.00 ? 20 DA  B "H2'"  1 
ATOM   613 H "H2''" . DA  B 2 7  ? 1.916   -3.389  5.250   1.00 10.00 ? 20 DA  B "H2''" 1 
ATOM   614 H "H1'"  . DA  B 2 7  ? -0.062  -2.164  5.236   1.00 10.00 ? 20 DA  B "H1'"  1 
ATOM   615 H H8     . DA  B 2 7  ? 2.866   0.102   4.675   1.00 10.00 ? 20 DA  B H8     1 
ATOM   616 H H61    . DA  B 2 7  ? 0.755   0.863   -1.176  1.00 10.00 ? 20 DA  B H61    1 
ATOM   617 H H62    . DA  B 2 7  ? 1.867   1.587   -0.015  1.00 10.00 ? 20 DA  B H62    1 
ATOM   618 H H2     . DA  B 2 7  ? -1.511  -2.362  0.778   1.00 10.00 ? 20 DA  B H2     1 
ATOM   619 P P      . DC  B 2 8  ? 1.672   -5.012  7.766   1.00 10.00 ? 21 DC  B P      1 
ATOM   620 O OP1    . DC  B 2 8  ? 1.026   -5.729  8.887   1.00 10.00 ? 21 DC  B OP1    1 
ATOM   621 O OP2    . DC  B 2 8  ? 3.142   -5.146  7.641   1.00 10.00 ? 21 DC  B OP2    1 
ATOM   622 O "O5'"  . DC  B 2 8  ? 0.990   -5.483  6.438   1.00 10.00 ? 21 DC  B "O5'"  1 
ATOM   623 C "C5'"  . DC  B 2 8  ? -0.434  -5.579  6.336   1.00 10.00 ? 21 DC  B "C5'"  1 
ATOM   624 C "C4'"  . DC  B 2 8  ? -0.817  -6.049  4.935   1.00 10.00 ? 21 DC  B "C4'"  1 
ATOM   625 O "O4'"  . DC  B 2 8  ? -0.265  -5.109  3.968   1.00 10.00 ? 21 DC  B "O4'"  1 
ATOM   626 C "C3'"  . DC  B 2 8  ? -0.272  -7.448  4.634   1.00 10.00 ? 21 DC  B "C3'"  1 
ATOM   627 O "O3'"  . DC  B 2 8  ? -1.362  -8.319  4.322   1.00 10.00 ? 21 DC  B "O3'"  1 
ATOM   628 C "C2'"  . DC  B 2 8  ? 0.717   -7.165  3.504   1.00 10.00 ? 21 DC  B "C2'"  1 
ATOM   629 C "C1'"  . DC  B 2 8  ? 0.311   -5.822  2.913   1.00 10.00 ? 21 DC  B "C1'"  1 
ATOM   630 N N1     . DC  B 2 8  ? 1.447   -5.019  2.394   1.00 10.00 ? 21 DC  B N1     1 
ATOM   631 C C2     . DC  B 2 8  ? 1.265   -4.351  1.155   1.00 10.00 ? 21 DC  B C2     1 
ATOM   632 O O2     . DC  B 2 8  ? 0.202   -4.419  0.524   1.00 10.00 ? 21 DC  B O2     1 
ATOM   633 N N3     . DC  B 2 8  ? 2.291   -3.598  0.657   1.00 10.00 ? 21 DC  B N3     1 
ATOM   634 C C4     . DC  B 2 8  ? 3.431   -3.436  1.346   1.00 10.00 ? 21 DC  B C4     1 
ATOM   635 N N4     . DC  B 2 8  ? 4.396   -2.634  0.853   1.00 10.00 ? 21 DC  B N4     1 
ATOM   636 C C5     . DC  B 2 8  ? 3.627   -4.083  2.614   1.00 10.00 ? 21 DC  B C5     1 
ATOM   637 C C6     . DC  B 2 8  ? 2.630   -4.840  3.095   1.00 10.00 ? 21 DC  B C6     1 
ATOM   638 H "H5'"  . DC  B 2 8  ? -0.904  -4.584  6.518   1.00 10.00 ? 21 DC  B "H5'"  1 
ATOM   639 H "H5''" . DC  B 2 8  ? -0.833  -6.300  7.087   1.00 10.00 ? 21 DC  B "H5''" 1 
ATOM   640 H "H4'"  . DC  B 2 8  ? -1.889  -6.079  4.709   1.00 10.00 ? 21 DC  B "H4'"  1 
ATOM   641 H "H3'"  . DC  B 2 8  ? 0.282   -7.846  5.513   1.00 10.00 ? 21 DC  B "H3'"  1 
ATOM   642 H "H2'"  . DC  B 2 8  ? 1.747   -7.167  3.912   1.00 10.00 ? 21 DC  B "H2'"  1 
ATOM   643 H "H2''" . DC  B 2 8  ? 0.624   -7.896  2.713   1.00 10.00 ? 21 DC  B "H2''" 1 
ATOM   644 H "H1'"  . DC  B 2 8  ? -0.505  -5.981  2.171   1.00 10.00 ? 21 DC  B "H1'"  1 
ATOM   645 H H41    . DC  B 2 8  ? 4.135   -2.094  0.041   1.00 10.00 ? 21 DC  B H41    1 
ATOM   646 H H42    . DC  B 2 8  ? 5.235   -2.450  1.355   1.00 10.00 ? 21 DC  B H42    1 
ATOM   647 H H5     . DC  B 2 8  ? 4.552   -3.924  3.165   1.00 10.00 ? 21 DC  B H5     1 
ATOM   648 H H6     . DC  B 2 8  ? 2.696   -5.325  4.074   1.00 10.00 ? 21 DC  B H6     1 
ATOM   649 P P      . DT  B 2 9  ? -1.309  -9.694  3.559   1.00 10.00 ? 22 DT  B P      1 
ATOM   650 O OP1    . DT  B 2 9  ? -2.559  -10.438 3.819   1.00 10.00 ? 22 DT  B OP1    1 
ATOM   651 O OP2    . DT  B 2 9  ? -0.013  -10.364 3.815   1.00 10.00 ? 22 DT  B OP2    1 
ATOM   652 O "O5'"  . DT  B 2 9  ? -1.300  -9.256  2.040   1.00 10.00 ? 22 DT  B "O5'"  1 
ATOM   653 C "C5'"  . DT  B 2 9  ? -2.401  -8.569  1.460   1.00 10.00 ? 22 DT  B "C5'"  1 
ATOM   654 C "C4'"  . DT  B 2 9  ? -2.165  -8.247  -0.028  1.00 10.00 ? 22 DT  B "C4'"  1 
ATOM   655 O "O4'"  . DT  B 2 9  ? -0.966  -7.430  -0.211  1.00 10.00 ? 22 DT  B "O4'"  1 
ATOM   656 C "C3'"  . DT  B 2 9  ? -1.973  -9.510  -0.889  1.00 10.00 ? 22 DT  B "C3'"  1 
ATOM   657 O "O3'"  . DT  B 2 9  ? -2.978  -9.514  -1.889  1.00 10.00 ? 22 DT  B "O3'"  1 
ATOM   658 C "C2'"  . DT  B 2 9  ? -0.535  -9.362  -1.426  1.00 10.00 ? 22 DT  B "C2'"  1 
ATOM   659 C "C1'"  . DT  B 2 9  ? -0.303  -7.853  -1.394  1.00 10.00 ? 22 DT  B "C1'"  1 
ATOM   660 N N1     . DT  B 2 9  ? 1.133   -7.463  -1.284  1.00 10.00 ? 22 DT  B N1     1 
ATOM   661 C C2     . DT  B 2 9  ? 1.646   -6.482  -2.178  1.00 10.00 ? 22 DT  B C2     1 
ATOM   662 O O2     . DT  B 2 9  ? 1.082   -6.078  -3.192  1.00 10.00 ? 22 DT  B O2     1 
ATOM   663 N N3     . DT  B 2 9  ? 2.883   -5.961  -1.805  1.00 10.00 ? 22 DT  B N3     1 
ATOM   664 C C4     . DT  B 2 9  ? 3.667   -6.328  -0.708  1.00 10.00 ? 22 DT  B C4     1 
ATOM   665 O O4     . DT  B 2 9  ? 4.768   -5.801  -0.537  1.00 10.00 ? 22 DT  B O4     1 
ATOM   666 C C5     . DT  B 2 9  ? 3.090   -7.366  0.134   1.00 10.00 ? 22 DT  B C5     1 
ATOM   667 C C7     . DT  B 2 9  ? 3.873   -7.833  1.321   1.00 10.00 ? 22 DT  B C7     1 
ATOM   668 C C6     . DT  B 2 9  ? 1.879   -7.863  -0.181  1.00 10.00 ? 22 DT  B C6     1 
ATOM   669 H "H5'"  . DT  B 2 9  ? -2.576  -7.609  1.996   1.00 10.00 ? 22 DT  B "H5'"  1 
ATOM   670 H "H5''" . DT  B 2 9  ? -3.324  -9.187  1.539   1.00 10.00 ? 22 DT  B "H5''" 1 
ATOM   671 H "H4'"  . DT  B 2 9  ? -3.012  -7.638  -0.413  1.00 10.00 ? 22 DT  B "H4'"  1 
ATOM   672 H "H3'"  . DT  B 2 9  ? -2.035  -10.432 -0.269  1.00 10.00 ? 22 DT  B "H3'"  1 
ATOM   673 H "H2'"  . DT  B 2 9  ? 0.157   -9.890  -0.737  1.00 10.00 ? 22 DT  B "H2'"  1 
ATOM   674 H "H2''" . DT  B 2 9  ? -0.383  -9.766  -2.439  1.00 10.00 ? 22 DT  B "H2''" 1 
ATOM   675 H "H1'"  . DT  B 2 9  ? -0.827  -7.374  -2.254  1.00 10.00 ? 22 DT  B "H1'"  1 
ATOM   676 H H3     . DT  B 2 9  ? 3.250   -5.238  -2.426  1.00 10.00 ? 22 DT  B H3     1 
ATOM   677 H H71    . DT  B 2 9  ? 4.038   -7.000  2.039   1.00 10.00 ? 22 DT  B H71    1 
ATOM   678 H H72    . DT  B 2 9  ? 3.347   -8.650  1.863   1.00 10.00 ? 22 DT  B H72    1 
ATOM   679 H H73    . DT  B 2 9  ? 4.868   -8.215  1.001   1.00 10.00 ? 22 DT  B H73    1 
ATOM   680 H H6     . DT  B 2 9  ? 1.368   -8.612  0.424   1.00 10.00 ? 22 DT  B H6     1 
ATOM   681 P P      . DT  B 2 10 ? -3.226  -10.609 -2.987  1.00 10.00 ? 23 DT  B P      1 
ATOM   682 O OP1    . DT  B 2 10 ? -4.596  -10.387 -3.504  1.00 10.00 ? 23 DT  B OP1    1 
ATOM   683 O OP2    . DT  B 2 10 ? -2.893  -11.955 -2.465  1.00 10.00 ? 23 DT  B OP2    1 
ATOM   684 O "O5'"  . DT  B 2 10 ? -2.169  -10.155 -4.089  1.00 10.00 ? 23 DT  B "O5'"  1 
ATOM   685 C "C5'"  . DT  B 2 10 ? -2.480  -8.965  -4.836  1.00 10.00 ? 23 DT  B "C5'"  1 
ATOM   686 C "C4'"  . DT  B 2 10 ? -1.386  -8.595  -5.846  1.00 10.00 ? 23 DT  B "C4'"  1 
ATOM   687 O "O4'"  . DT  B 2 10 ? -0.171  -8.270  -5.122  1.00 10.00 ? 23 DT  B "O4'"  1 
ATOM   688 C "C3'"  . DT  B 2 10 ? -1.035  -9.690  -6.859  1.00 10.00 ? 23 DT  B "C3'"  1 
ATOM   689 O "O3'"  . DT  B 2 10 ? -1.379  -9.240  -8.168  1.00 10.00 ? 23 DT  B "O3'"  1 
ATOM   690 C "C2'"  . DT  B 2 10 ? 0.473   -9.857  -6.631  1.00 10.00 ? 23 DT  B "C2'"  1 
ATOM   691 C "C1'"  . DT  B 2 10 ? 0.905   -8.564  -5.961  1.00 10.00 ? 23 DT  B "C1'"  1 
ATOM   692 N N1     . DT  B 2 10 ? 2.118   -8.690  -5.118  1.00 10.00 ? 23 DT  B N1     1 
ATOM   693 C C2     . DT  B 2 10 ? 3.140   -7.728  -5.279  1.00 10.00 ? 23 DT  B C2     1 
ATOM   694 O O2     . DT  B 2 10 ? 3.185   -6.874  -6.161  1.00 10.00 ? 23 DT  B O2     1 
ATOM   695 N N3     . DT  B 2 10 ? 4.153   -7.813  -4.327  1.00 10.00 ? 23 DT  B N3     1 
ATOM   696 C C4     . DT  B 2 10 ? 4.266   -8.706  -3.266  1.00 10.00 ? 23 DT  B C4     1 
ATOM   697 O O4     . DT  B 2 10 ? 5.247   -8.641  -2.515  1.00 10.00 ? 23 DT  B O4     1 
ATOM   698 C C5     . DT  B 2 10 ? 3.171   -9.662  -3.166  1.00 10.00 ? 23 DT  B C5     1 
ATOM   699 C C7     . DT  B 2 10 ? 3.190   -10.655 -2.048  1.00 10.00 ? 23 DT  B C7     1 
ATOM   700 C C6     . DT  B 2 10 ? 2.171   -9.605  -4.072  1.00 10.00 ? 23 DT  B C6     1 
ATOM   701 H "H5'"  . DT  B 2 10 ? -2.613  -8.098  -4.148  1.00 10.00 ? 23 DT  B "H5'"  1 
ATOM   702 H "H5''" . DT  B 2 10 ? -3.432  -9.104  -5.400  1.00 10.00 ? 23 DT  B "H5''" 1 
ATOM   703 H "H4'"  . DT  B 2 10 ? -1.601  -7.682  -6.424  1.00 10.00 ? 23 DT  B "H4'"  1 
ATOM   704 H "H3'"  . DT  B 2 10 ? -1.575  -10.632 -6.622  1.00 10.00 ? 23 DT  B "H3'"  1 
ATOM   705 H "H2'"  . DT  B 2 10 ? 0.660   -10.748 -6.000  1.00 10.00 ? 23 DT  B "H2'"  1 
ATOM   706 H "H2''" . DT  B 2 10 ? 1.018   -9.938  -7.565  1.00 10.00 ? 23 DT  B "H2''" 1 
ATOM   707 H "H1'"  . DT  B 2 10 ? 0.963   -7.742  -6.715  1.00 10.00 ? 23 DT  B "H1'"  1 
ATOM   708 H H3     . DT  B 2 10 ? 4.896   -7.117  -4.434  1.00 10.00 ? 23 DT  B H3     1 
ATOM   709 H H71    . DT  B 2 10 ? 4.230   -10.987 -1.828  1.00 10.00 ? 23 DT  B H71    1 
ATOM   710 H H72    . DT  B 2 10 ? 2.773   -10.210 -1.120  1.00 10.00 ? 23 DT  B H72    1 
ATOM   711 H H73    . DT  B 2 10 ? 2.588   -11.558 -2.294  1.00 10.00 ? 23 DT  B H73    1 
ATOM   712 H H6     . DT  B 2 10 ? 1.307   -10.266 -4.039  1.00 10.00 ? 23 DT  B H6     1 
ATOM   713 P P      . DT  B 2 11 ? -0.913  -9.868  -9.538  1.00 10.00 ? 24 DT  B P      1 
ATOM   714 O OP1    . DT  B 2 11 ? -1.893  -9.468  -10.573 1.00 10.00 ? 24 DT  B OP1    1 
ATOM   715 O OP2    . DT  B 2 11 ? -0.645  -11.314 -9.359  1.00 10.00 ? 24 DT  B OP2    1 
ATOM   716 O "O5'"  . DT  B 2 11 ? 0.450   -9.108  -9.830  1.00 10.00 ? 24 DT  B "O5'"  1 
ATOM   717 C "C5'"  . DT  B 2 11 ? 0.444   -7.773  -10.347 1.00 10.00 ? 24 DT  B "C5'"  1 
ATOM   718 C "C4'"  . DT  B 2 11 ? 1.846   -7.239  -10.748 1.00 10.00 ? 24 DT  B "C4'"  1 
ATOM   719 O "O4'"  . DT  B 2 11 ? 2.755   -7.330  -9.606  1.00 10.00 ? 24 DT  B "O4'"  1 
ATOM   720 C "C3'"  . DT  B 2 11 ? 2.530   -8.018  -11.894 1.00 10.00 ? 24 DT  B "C3'"  1 
ATOM   721 O "O3'"  . DT  B 2 11 ? 3.323   -7.140  -12.702 1.00 10.00 ? 24 DT  B "O3'"  1 
ATOM   722 C "C2'"  . DT  B 2 11 ? 3.386   -9.016  -11.102 1.00 10.00 ? 24 DT  B "C2'"  1 
ATOM   723 C "C1'"  . DT  B 2 11 ? 3.873   -8.122  -9.962  1.00 10.00 ? 24 DT  B "C1'"  1 
ATOM   724 N N1     . DT  B 2 11 ? 4.345   -8.828  -8.740  1.00 10.00 ? 24 DT  B N1     1 
ATOM   725 C C2     . DT  B 2 11 ? 5.476   -8.283  -8.085  1.00 10.00 ? 24 DT  B C2     1 
ATOM   726 O O2     . DT  B 2 11 ? 6.086   -7.273  -8.438  1.00 10.00 ? 24 DT  B O2     1 
ATOM   727 N N3     . DT  B 2 11 ? 5.896   -9.005  -6.971  1.00 10.00 ? 24 DT  B N3     1 
ATOM   728 C C4     . DT  B 2 11 ? 5.354   -10.173 -6.450  1.00 10.00 ? 24 DT  B C4     1 
ATOM   729 O O4     . DT  B 2 11 ? 5.851   -10.685 -5.440  1.00 10.00 ? 24 DT  B O4     1 
ATOM   730 C C5     . DT  B 2 11 ? 4.182   -10.659 -7.159  1.00 10.00 ? 24 DT  B C5     1 
ATOM   731 C C7     . DT  B 2 11 ? 3.528   -11.899 -6.646  1.00 10.00 ? 24 DT  B C7     1 
ATOM   732 C C6     . DT  B 2 11 ? 3.730   -9.975  -8.236  1.00 10.00 ? 24 DT  B C6     1 
ATOM   733 H "H5'"  . DT  B 2 11 ? 0.041   -7.087  -9.567  1.00 10.00 ? 24 DT  B "H5'"  1 
ATOM   734 H "H5''" . DT  B 2 11 ? -0.218  -7.700  -11.239 1.00 10.00 ? 24 DT  B "H5''" 1 
ATOM   735 H "H4'"  . DT  B 2 11 ? 1.763   -6.164  -11.014 1.00 10.00 ? 24 DT  B "H4'"  1 
ATOM   736 H "H3'"  . DT  B 2 11 ? 1.763   -8.538  -12.511 1.00 10.00 ? 24 DT  B "H3'"  1 
ATOM   737 H "H2'"  . DT  B 2 11 ? 2.732   -9.832  -10.737 1.00 10.00 ? 24 DT  B "H2'"  1 
ATOM   738 H "H2''" . DT  B 2 11 ? 4.215   -9.456  -11.684 1.00 10.00 ? 24 DT  B "H2''" 1 
ATOM   739 H "H1'"  . DT  B 2 11 ? 4.630   -7.412  -10.368 1.00 10.00 ? 24 DT  B "H1'"  1 
ATOM   740 H H3     . DT  B 2 11 ? 6.767   -8.694  -6.535  1.00 10.00 ? 24 DT  B H3     1 
ATOM   741 H H71    . DT  B 2 11 ? 4.238   -12.755 -6.675  1.00 10.00 ? 24 DT  B H71    1 
ATOM   742 H H72    . DT  B 2 11 ? 3.202   -11.761 -5.592  1.00 10.00 ? 24 DT  B H72    1 
ATOM   743 H H73    . DT  B 2 11 ? 2.635   -12.172 -7.250  1.00 10.00 ? 24 DT  B H73    1 
ATOM   744 H H6     . DT  B 2 11 ? 2.806   -10.265 -8.735  1.00 10.00 ? 24 DT  B H6     1 
ATOM   745 P P      . DG  B 2 12 ? 4.169   -7.654  -13.944 1.00 10.00 ? 25 DG  B P      1 
ATOM   746 O OP1    . DG  B 2 12 ? 3.959   -6.751  -15.098 1.00 10.00 ? 25 DG  B OP1    1 
ATOM   747 O OP2    . DG  B 2 12 ? 3.915   -9.096  -14.180 1.00 10.00 ? 25 DG  B OP2    1 
ATOM   748 O "O5'"  . DG  B 2 12 ? 5.664   -7.474  -13.414 1.00 10.00 ? 25 DG  B "O5'"  1 
ATOM   749 C "C5'"  . DG  B 2 12 ? 6.251   -6.163  -13.516 1.00 10.00 ? 25 DG  B "C5'"  1 
ATOM   750 C "C4'"  . DG  B 2 12 ? 7.759   -6.085  -13.155 1.00 10.00 ? 25 DG  B "C4'"  1 
ATOM   751 O "O4'"  . DG  B 2 12 ? 7.975   -6.509  -11.769 1.00 10.00 ? 25 DG  B "O4'"  1 
ATOM   752 C "C3'"  . DG  B 2 12 ? 8.663   -6.979  -14.023 1.00 10.00 ? 25 DG  B "C3'"  1 
ATOM   753 O "O3'"  . DG  B 2 12 ? 9.924   -6.345  -14.226 1.00 10.00 ? 25 DG  B "O3'"  1 
ATOM   754 C "C2'"  . DG  B 2 12 ? 8.746   -8.229  -13.145 1.00 10.00 ? 25 DG  B "C2'"  1 
ATOM   755 C "C1'"  . DG  B 2 12 ? 8.866   -7.615  -11.757 1.00 10.00 ? 25 DG  B "C1'"  1 
ATOM   756 N N9     . DG  B 2 12 ? 8.448   -8.552  -10.718 1.00 10.00 ? 25 DG  B N9     1 
ATOM   757 C C8     . DG  B 2 12 ? 7.257   -9.148  -10.695 1.00 10.00 ? 25 DG  B C8     1 
ATOM   758 N N7     . DG  B 2 12 ? 7.151   -10.173 -9.876  1.00 10.00 ? 25 DG  B N7     1 
ATOM   759 C C5     . DG  B 2 12 ? 8.402   -10.244 -9.299  1.00 10.00 ? 25 DG  B C5     1 
ATOM   760 C C6     . DG  B 2 12 ? 8.896   -11.138 -8.331  1.00 10.00 ? 25 DG  B C6     1 
ATOM   761 O O6     . DG  B 2 12 ? 8.252   -12.026 -7.754  1.00 10.00 ? 25 DG  B O6     1 
ATOM   762 N N1     . DG  B 2 12 ? 10.243  -10.862 -8.020  1.00 10.00 ? 25 DG  B N1     1 
ATOM   763 C C2     . DG  B 2 12 ? 11.010  -9.834  -8.555  1.00 10.00 ? 25 DG  B C2     1 
ATOM   764 N N2     . DG  B 2 12 ? 12.236  -9.747  -8.032  1.00 10.00 ? 25 DG  B N2     1 
ATOM   765 N N3     . DG  B 2 12 ? 10.525  -9.007  -9.489  1.00 10.00 ? 25 DG  B N3     1 
ATOM   766 C C4     . DG  B 2 12 ? 9.236   -9.247  -9.811  1.00 10.00 ? 25 DG  B C4     1 
ATOM   767 H "H5'"  . DG  B 2 12 ? 5.712   -5.461  -12.836 1.00 10.00 ? 25 DG  B "H5'"  1 
ATOM   768 H "H5''" . DG  B 2 12 ? 6.147   -5.772  -14.556 1.00 10.00 ? 25 DG  B "H5''" 1 
ATOM   769 H "H4'"  . DG  B 2 12 ? 8.088   -5.027  -13.230 1.00 10.00 ? 25 DG  B "H4'"  1 
ATOM   770 H "H3'"  . DG  B 2 12 ? 8.177   -7.195  -14.999 1.00 10.00 ? 25 DG  B "H3'"  1 
ATOM   771 H "H2'"  . DG  B 2 12 ? 7.798   -8.797  -13.255 1.00 10.00 ? 25 DG  B "H2'"  1 
ATOM   772 H "H2''" . DG  B 2 12 ? 9.570   -8.916  -13.366 1.00 10.00 ? 25 DG  B "H2''" 1 
ATOM   773 H "H1'"  . DG  B 2 12 ? 9.877   -7.240  -11.564 1.00 10.00 ? 25 DG  B "H1'"  1 
ATOM   774 H H8     . DG  B 2 12 ? 6.583   -8.717  -11.427 1.00 10.00 ? 25 DG  B H8     1 
ATOM   775 H H1     . DG  B 2 12 ? 10.633  -11.390 -7.247  1.00 10.00 ? 25 DG  B H1     1 
ATOM   776 H H21    . DG  B 2 12 ? 12.581  -10.425 -7.370  1.00 10.00 ? 25 DG  B H21    1 
ATOM   777 H H22    . DG  B 2 12 ? 12.839  -9.064  -8.432  1.00 10.00 ? 25 DG  B H22    1 
ATOM   778 P P      . DG  B 2 13 ? 11.187  -7.055  -14.856 1.00 10.00 ? 26 DG  B P      1 
ATOM   779 O OP1    . DG  B 2 13 ? 12.049  -6.034  -15.491 1.00 10.00 ? 26 DG  B OP1    1 
ATOM   780 O OP2    . DG  B 2 13 ? 10.770  -8.202  -15.695 1.00 10.00 ? 26 DG  B OP2    1 
ATOM   781 O "O5'"  . DG  B 2 13 ? 11.928  -7.612  -13.568 1.00 10.00 ? 26 DG  B "O5'"  1 
ATOM   782 C "C5'"  . DG  B 2 13 ? 12.673  -6.726  -12.721 1.00 10.00 ? 26 DG  B "C5'"  1 
ATOM   783 C "C4'"  . DG  B 2 13 ? 13.891  -7.432  -12.112 1.00 10.00 ? 26 DG  B "C4'"  1 
ATOM   784 O "O4'"  . DG  B 2 13 ? 13.456  -8.416  -11.127 1.00 10.00 ? 26 DG  B "O4'"  1 
ATOM   785 C "C3'"  . DG  B 2 13 ? 14.718  -8.144  -13.165 1.00 10.00 ? 26 DG  B "C3'"  1 
ATOM   786 O "O3'"  . DG  B 2 13 ? 16.118  -7.950  -12.966 1.00 10.00 ? 26 DG  B "O3'"  1 
ATOM   787 C "C2'"  . DG  B 2 13 ? 14.386  -9.590  -12.907 1.00 10.00 ? 26 DG  B "C2'"  1 
ATOM   788 C "C1'"  . DG  B 2 13 ? 13.986  -9.679  -11.440 1.00 10.00 ? 26 DG  B "C1'"  1 
ATOM   789 N N9     . DG  B 2 13 ? 12.920  -10.669 -11.228 1.00 10.00 ? 26 DG  B N9     1 
ATOM   790 C C8     . DG  B 2 13 ? 11.786  -10.769 -11.958 1.00 10.00 ? 26 DG  B C8     1 
ATOM   791 N N7     . DG  B 2 13 ? 11.032  -11.805 -11.664 1.00 10.00 ? 26 DG  B N7     1 
ATOM   792 C C5     . DG  B 2 13 ? 11.719  -12.438 -10.647 1.00 10.00 ? 26 DG  B C5     1 
ATOM   793 C C6     . DG  B 2 13 ? 11.379  -13.600 -9.926  1.00 10.00 ? 26 DG  B C6     1 
ATOM   794 O O6     . DG  B 2 13 ? 10.330  -14.250 -10.034 1.00 10.00 ? 26 DG  B O6     1 
ATOM   795 N N1     . DG  B 2 13 ? 12.369  -13.923 -8.983  1.00 10.00 ? 26 DG  B N1     1 
ATOM   796 C C2     . DG  B 2 13 ? 13.525  -13.197 -8.728  1.00 10.00 ? 26 DG  B C2     1 
ATOM   797 N N2     . DG  B 2 13 ? 14.280  -13.729 -7.764  1.00 10.00 ? 26 DG  B N2     1 
ATOM   798 N N3     . DG  B 2 13 ? 13.827  -12.084 -9.408  1.00 10.00 ? 26 DG  B N3     1 
ATOM   799 C C4     . DG  B 2 13 ? 12.904  -11.758 -10.352 1.00 10.00 ? 26 DG  B C4     1 
ATOM   800 H "H5'"  . DG  B 2 13 ? 12.018  -6.368  -11.892 1.00 10.00 ? 26 DG  B "H5'"  1 
ATOM   801 H "H5''" . DG  B 2 13 ? 13.039  -5.827  -13.272 1.00 10.00 ? 26 DG  B "H5''" 1 
ATOM   802 H "H4'"  . DG  B 2 13 ? 14.590  -6.791  -11.576 1.00 10.00 ? 26 DG  B "H4'"  1 
ATOM   803 H "H3'"  . DG  B 2 13 ? 14.442  -7.828  -14.196 1.00 10.00 ? 26 DG  B "H3'"  1 
ATOM   804 H "HO3'" . DG  B 2 13 ? 16.265  -8.223  -12.055 1.00 10.00 ? 26 DG  B "HO3'" 1 
ATOM   805 H "H2'"  . DG  B 2 13 ? 13.597  -9.923  -13.612 1.00 10.00 ? 26 DG  B "H2'"  1 
ATOM   806 H "H2''" . DG  B 2 13 ? 15.281  -10.171 -13.038 1.00 10.00 ? 26 DG  B "H2''" 1 
ATOM   807 H "H1'"  . DG  B 2 13 ? 14.862  -9.847  -10.778 1.00 10.00 ? 26 DG  B "H1'"  1 
ATOM   808 H H8     . DG  B 2 13 ? 11.670  -10.021 -12.746 1.00 10.00 ? 26 DG  B H8     1 
ATOM   809 H H1     . DG  B 2 13 ? 12.113  -14.654 -8.326  1.00 10.00 ? 26 DG  B H1     1 
ATOM   810 H H21    . DG  B 2 13 ? 13.961  -14.536 -7.247  1.00 10.00 ? 26 DG  B H21    1 
ATOM   811 H H22    . DG  B 2 13 ? 15.046  -13.184 -7.440  1.00 10.00 ? 26 DG  B H22    1 
# 
